data_4R6N
#
_entry.id   4R6N
#
_cell.length_a   58.531
_cell.length_b   80.896
_cell.length_c   63.209
_cell.angle_alpha   90.00
_cell.angle_beta   108.08
_cell.angle_gamma   90.00
#
_symmetry.space_group_name_H-M   'P 1 21 1'
#
loop_
_entity.id
_entity.type
_entity.pdbx_description
1 polymer 'Agglutinin alpha chain'
2 polymer 'Agglutinin beta-3 chain'
3 non-polymer 'methyl beta-D-galactopyranoside'
4 non-polymer 'ISOPROPYL ALCOHOL'
5 non-polymer 1,2-ETHANEDIOL
6 water water
#
loop_
_entity_poly.entity_id
_entity_poly.type
_entity_poly.pdbx_seq_one_letter_code
_entity_poly.pdbx_strand_id
1 'polypeptide(L)'
;GKAFDDGAFTGIREINLSYNKETAIGDFQVVYDLNGSPYVGQNHKSFITGFTPVKISLDFPSEYIMEVSGYTGNVSGYVV
VRSLTFKTNKKTYGPYGVTSGTPFNLPIENGLIVGFKGSIGYWLDYFSMYLSL
;
A,C,E,G
2 'polypeptide(L)' EQSGISQTVIVGPWGAKVS B,D,F,H
#
loop_
_chem_comp.id
_chem_comp.type
_chem_comp.name
_chem_comp.formula
EDO non-polymer 1,2-ETHANEDIOL 'C2 H6 O2'
IPA non-polymer 'ISOPROPYL ALCOHOL' 'C3 H8 O'
MBG D-saccharide 'methyl beta-D-galactopyranoside' 'C7 H14 O6'
#
# COMPACT_ATOMS: atom_id res chain seq x y z
N GLY A 1 -6.17 29.89 -10.73
CA GLY A 1 -4.67 29.85 -10.78
C GLY A 1 -4.17 28.72 -11.66
N LYS A 2 -2.86 28.57 -11.77
CA LYS A 2 -2.25 27.50 -12.55
C LYS A 2 -2.07 26.20 -11.73
N ALA A 3 -2.62 25.10 -12.29
CA ALA A 3 -2.66 23.80 -11.61
C ALA A 3 -1.23 23.23 -11.62
N PHE A 4 -0.87 22.46 -10.60
CA PHE A 4 0.41 21.73 -10.65
C PHE A 4 0.17 20.42 -10.00
N ASP A 5 1.00 19.43 -10.28
CA ASP A 5 0.76 18.08 -9.70
C ASP A 5 2.12 17.44 -9.88
N ASP A 6 2.87 17.34 -8.77
CA ASP A 6 4.22 16.84 -8.96
C ASP A 6 4.23 15.30 -9.16
N GLY A 7 3.20 14.63 -8.64
CA GLY A 7 3.20 13.13 -8.55
C GLY A 7 3.72 12.62 -7.22
N ALA A 8 3.98 11.30 -7.17
CA ALA A 8 4.45 10.68 -5.94
C ALA A 8 5.92 10.27 -6.08
N PHE A 9 6.65 10.29 -4.95
CA PHE A 9 8.08 10.00 -4.89
C PHE A 9 8.35 9.07 -3.71
N THR A 10 9.59 8.97 -3.26
CA THR A 10 10.01 8.05 -2.18
C THR A 10 10.02 8.81 -0.86
N GLY A 11 9.88 10.15 -0.88
CA GLY A 11 10.06 10.90 0.38
C GLY A 11 10.28 12.40 0.09
N ILE A 12 10.58 13.17 1.11
CA ILE A 12 10.88 14.57 0.93
C ILE A 12 12.22 15.00 1.51
N ARG A 13 13.02 15.69 0.70
CA ARG A 13 14.31 16.24 1.08
C ARG A 13 14.26 17.74 1.46
N GLU A 14 13.58 18.55 0.67
CA GLU A 14 13.58 19.97 1.00
C GLU A 14 12.31 20.57 0.50
N ILE A 15 11.77 21.55 1.24
CA ILE A 15 10.65 22.35 0.71
C ILE A 15 11.14 23.80 0.57
N ASN A 16 10.98 24.38 -0.60
CA ASN A 16 11.28 25.83 -0.78
C ASN A 16 9.95 26.53 -1.05
N LEU A 17 9.58 27.50 -0.21
CA LEU A 17 8.30 28.21 -0.45
C LEU A 17 8.51 29.72 -0.23
N SER A 18 7.50 30.52 -0.60
CA SER A 18 7.58 31.95 -0.23
C SER A 18 6.27 32.34 0.36
N TYR A 19 6.25 33.45 1.14
CA TYR A 19 5.06 33.86 1.84
C TYR A 19 5.15 35.35 2.04
N ASN A 20 4.01 35.97 2.33
CA ASN A 20 3.94 37.38 2.68
C ASN A 20 3.15 37.49 4.01
N LYS A 21 3.73 38.17 5.00
CA LYS A 21 3.18 38.29 6.35
C LYS A 21 1.91 39.15 6.39
N GLU A 22 1.47 39.66 5.26
CA GLU A 22 0.14 40.36 5.14
C GLU A 22 -0.87 39.68 4.21
N THR A 23 -0.43 38.66 3.48
CA THR A 23 -1.35 38.00 2.52
C THR A 23 -1.46 36.52 2.69
N ALA A 24 -0.60 35.81 2.02
CA ALA A 24 -0.75 34.37 1.91
C ALA A 24 0.55 33.70 1.40
N ILE A 25 0.51 32.37 1.25
CA ILE A 25 1.58 31.63 0.60
C ILE A 25 1.65 31.94 -0.89
N GLY A 26 2.86 32.13 -1.40
CA GLY A 26 3.06 32.35 -2.85
C GLY A 26 3.70 31.16 -3.58
N ASP A 27 5.02 31.22 -3.77
CA ASP A 27 5.71 30.18 -4.52
C ASP A 27 5.81 28.88 -3.68
N PHE A 28 5.90 27.76 -4.38
CA PHE A 28 6.08 26.45 -3.69
C PHE A 28 6.84 25.47 -4.57
N GLN A 29 7.86 24.81 -4.00
CA GLN A 29 8.72 23.91 -4.78
C GLN A 29 9.22 22.87 -3.85
N VAL A 30 9.39 21.64 -4.33
CA VAL A 30 9.83 20.56 -3.43
C VAL A 30 10.97 19.79 -4.08
N VAL A 31 11.99 19.48 -3.25
CA VAL A 31 13.01 18.53 -3.59
C VAL A 31 12.61 17.20 -2.90
N TYR A 32 12.17 16.26 -3.73
CA TYR A 32 11.76 14.96 -3.24
C TYR A 32 12.96 14.05 -3.21
N ASP A 33 12.75 12.94 -2.54
CA ASP A 33 13.64 11.83 -2.80
C ASP A 33 13.05 10.88 -3.85
N LEU A 34 13.88 10.37 -4.76
CA LEU A 34 13.38 9.32 -5.66
C LEU A 34 14.39 8.17 -5.60
N ASN A 35 14.06 7.12 -4.83
CA ASN A 35 15.00 5.96 -4.62
C ASN A 35 16.42 6.34 -4.24
N GLY A 36 16.55 7.33 -3.34
CA GLY A 36 17.89 7.78 -2.96
C GLY A 36 18.52 8.92 -3.74
N SER A 37 17.99 9.34 -4.89
CA SER A 37 18.51 10.55 -5.55
C SER A 37 17.52 11.69 -5.29
N PRO A 38 18.04 12.92 -5.17
CA PRO A 38 17.11 14.07 -5.02
C PRO A 38 16.38 14.26 -6.32
N TYR A 39 15.06 14.52 -6.28
CA TYR A 39 14.35 14.75 -7.48
C TYR A 39 13.94 16.22 -7.34
N VAL A 40 14.39 17.07 -8.24
CA VAL A 40 14.11 18.48 -8.10
C VAL A 40 12.78 18.77 -8.75
N GLY A 41 11.76 18.97 -7.93
CA GLY A 41 10.42 19.32 -8.43
C GLY A 41 10.43 20.70 -9.10
N GLN A 42 9.57 20.86 -10.09
CA GLN A 42 9.31 22.16 -10.76
C GLN A 42 8.94 23.28 -9.72
N ASN A 43 9.51 24.49 -9.90
CA ASN A 43 9.27 25.60 -8.97
C ASN A 43 7.92 26.16 -9.37
N HIS A 44 6.91 26.02 -8.53
CA HIS A 44 5.56 26.46 -8.92
C HIS A 44 5.39 27.86 -8.44
N LYS A 45 5.49 28.84 -9.34
CA LYS A 45 5.66 30.26 -8.91
C LYS A 45 4.33 31.02 -8.86
N SER A 46 4.20 31.92 -7.90
CA SER A 46 3.09 32.90 -7.94
C SER A 46 3.15 33.74 -9.23
N PHE A 47 1.97 34.23 -9.62
CA PHE A 47 1.89 35.28 -10.68
C PHE A 47 2.48 36.66 -10.29
N ILE A 48 2.74 36.86 -8.98
CA ILE A 48 3.18 38.19 -8.51
C ILE A 48 4.45 38.03 -7.70
N THR A 49 5.18 39.14 -7.52
CA THR A 49 6.40 39.16 -6.67
C THR A 49 6.18 39.78 -5.31
N GLY A 50 7.26 39.96 -4.53
CA GLY A 50 7.17 40.62 -3.22
C GLY A 50 7.07 39.68 -2.02
N PHE A 51 7.32 38.39 -2.22
CA PHE A 51 7.29 37.39 -1.14
C PHE A 51 8.66 37.14 -0.49
N THR A 52 8.65 36.58 0.72
CA THR A 52 9.86 36.20 1.42
C THR A 52 10.07 34.70 1.23
N PRO A 53 11.28 34.28 0.77
CA PRO A 53 11.62 32.87 0.51
C PRO A 53 12.07 32.22 1.78
N VAL A 54 11.69 30.95 1.92
CA VAL A 54 12.18 30.09 3.01
C VAL A 54 12.56 28.73 2.42
N LYS A 55 13.72 28.24 2.88
CA LYS A 55 14.18 26.91 2.58
C LYS A 55 14.03 26.03 3.81
N ILE A 56 13.26 24.96 3.67
CA ILE A 56 13.12 23.99 4.77
C ILE A 56 13.98 22.80 4.34
N SER A 57 15.23 22.66 4.86
CA SER A 57 16.08 21.55 4.41
C SER A 57 15.99 20.43 5.45
N LEU A 58 15.47 19.28 5.06
CA LEU A 58 15.21 18.24 6.06
C LEU A 58 16.37 17.34 6.11
N ASP A 59 16.63 16.79 7.31
CA ASP A 59 17.67 15.74 7.46
C ASP A 59 17.14 14.37 7.06
N PHE A 60 16.87 14.21 5.76
CA PHE A 60 16.42 12.98 5.17
C PHE A 60 17.53 11.91 5.22
N PRO A 61 17.19 10.66 5.59
CA PRO A 61 15.81 10.17 5.87
C PRO A 61 15.43 10.12 7.34
N SER A 62 16.31 10.53 8.24
CA SER A 62 15.93 10.38 9.70
C SER A 62 14.81 11.36 10.15
N GLU A 63 14.74 12.50 9.46
CA GLU A 63 13.73 13.55 9.73
C GLU A 63 12.60 13.56 8.64
N TYR A 64 11.33 13.59 9.08
CA TYR A 64 10.23 13.55 8.12
C TYR A 64 9.02 14.25 8.72
N ILE A 65 8.18 14.72 7.82
CA ILE A 65 7.02 15.46 8.24
C ILE A 65 6.00 14.53 8.92
N MET A 66 5.52 15.01 10.07
CA MET A 66 4.43 14.40 10.84
C MET A 66 3.12 15.18 10.83
N GLU A 67 3.14 16.49 10.57
CA GLU A 67 1.86 17.20 10.54
C GLU A 67 2.00 18.39 9.61
N VAL A 68 1.11 18.50 8.61
CA VAL A 68 1.05 19.83 7.89
C VAL A 68 -0.19 20.56 8.43
N SER A 69 -0.06 21.86 8.72
CA SER A 69 -1.23 22.59 9.18
C SER A 69 -1.19 23.99 8.58
N GLY A 70 -2.27 24.76 8.73
CA GLY A 70 -2.34 26.04 8.05
C GLY A 70 -3.69 26.70 8.26
N TYR A 71 -3.89 27.84 7.59
CA TYR A 71 -5.16 28.57 7.55
C TYR A 71 -5.53 28.84 6.15
N THR A 72 -6.85 28.87 5.88
CA THR A 72 -7.35 29.29 4.61
C THR A 72 -8.25 30.51 4.84
N GLY A 73 -8.30 31.43 3.89
CA GLY A 73 -9.09 32.61 4.12
C GLY A 73 -9.01 33.52 2.91
N ASN A 74 -9.71 34.65 3.03
CA ASN A 74 -9.80 35.64 1.93
C ASN A 74 -8.51 36.38 1.71
N VAL A 75 -8.10 36.51 0.46
CA VAL A 75 -7.18 37.59 0.12
C VAL A 75 -7.71 38.12 -1.22
N SER A 76 -8.02 39.42 -1.30
CA SER A 76 -8.47 40.05 -2.53
C SER A 76 -9.74 39.40 -3.09
N GLY A 77 -10.60 38.81 -2.27
CA GLY A 77 -11.80 38.21 -2.84
C GLY A 77 -11.63 36.72 -3.10
N TYR A 78 -10.40 36.22 -2.98
CA TYR A 78 -10.11 34.79 -3.23
C TYR A 78 -9.91 34.00 -1.92
N VAL A 79 -10.44 32.75 -1.88
CA VAL A 79 -10.07 31.86 -0.84
C VAL A 79 -8.72 31.21 -1.19
N VAL A 80 -7.71 31.36 -0.31
CA VAL A 80 -6.41 30.86 -0.63
C VAL A 80 -5.81 30.25 0.63
N VAL A 81 -4.60 29.67 0.52
CA VAL A 81 -3.92 29.15 1.68
C VAL A 81 -3.09 30.28 2.27
N ARG A 82 -3.55 30.81 3.41
CA ARG A 82 -2.92 31.98 4.06
C ARG A 82 -1.65 31.64 4.86
N SER A 83 -1.60 30.43 5.43
CA SER A 83 -0.39 30.02 6.07
C SER A 83 -0.19 28.51 6.01
N LEU A 84 1.08 28.14 6.16
CA LEU A 84 1.48 26.73 6.37
C LEU A 84 2.47 26.61 7.53
N THR A 85 2.33 25.48 8.20
CA THR A 85 3.34 25.04 9.15
C THR A 85 3.61 23.56 8.94
N PHE A 86 4.90 23.22 9.04
CA PHE A 86 5.39 21.83 8.80
C PHE A 86 6.05 21.34 10.03
N LYS A 87 5.46 20.34 10.68
CA LYS A 87 6.08 19.80 11.90
C LYS A 87 6.70 18.45 11.57
N THR A 88 8.01 18.28 11.87
CA THR A 88 8.60 16.98 11.62
C THR A 88 8.79 16.28 12.95
N ASN A 89 9.45 15.12 12.92
CA ASN A 89 9.83 14.48 14.15
C ASN A 89 10.97 15.20 14.83
N LYS A 90 11.59 16.17 14.18
CA LYS A 90 12.73 16.84 14.80
C LYS A 90 12.40 18.27 15.19
N LYS A 91 11.59 18.97 14.37
CA LYS A 91 11.29 20.33 14.71
C LYS A 91 10.09 20.87 13.99
N THR A 92 9.76 22.13 14.29
CA THR A 92 8.66 22.83 13.65
C THR A 92 9.20 23.93 12.70
N TYR A 93 8.66 23.96 11.49
CA TYR A 93 8.99 25.03 10.53
C TYR A 93 7.76 25.80 10.25
N GLY A 94 7.79 27.09 10.60
CA GLY A 94 6.63 28.01 10.48
C GLY A 94 5.95 28.33 11.77
N PRO A 95 4.78 29.04 11.71
CA PRO A 95 3.91 29.34 10.52
C PRO A 95 4.54 30.33 9.59
N TYR A 96 4.23 30.18 8.31
CA TYR A 96 4.67 31.11 7.32
C TYR A 96 3.44 31.65 6.72
N GLY A 97 3.32 32.96 6.65
CA GLY A 97 2.13 33.61 6.08
C GLY A 97 1.33 34.28 7.17
N VAL A 98 0.03 34.17 7.09
CA VAL A 98 -0.88 34.90 7.95
C VAL A 98 -1.79 33.87 8.58
N THR A 99 -1.72 33.81 9.92
CA THR A 99 -2.38 32.77 10.67
C THR A 99 -3.80 33.23 11.10
N SER A 100 -4.67 33.37 10.11
CA SER A 100 -6.03 33.88 10.19
C SER A 100 -6.90 33.11 9.28
N GLY A 101 -8.17 32.94 9.69
CA GLY A 101 -9.20 32.38 8.82
C GLY A 101 -9.55 30.98 9.33
N THR A 102 -9.70 30.04 8.40
CA THR A 102 -10.16 28.68 8.75
C THR A 102 -8.93 27.78 8.97
N PRO A 103 -8.76 27.23 10.20
CA PRO A 103 -7.67 26.29 10.35
C PRO A 103 -7.89 24.96 9.65
N PHE A 104 -6.79 24.30 9.27
CA PHE A 104 -6.86 22.93 8.80
C PHE A 104 -5.58 22.22 9.26
N ASN A 105 -5.61 20.90 9.23
CA ASN A 105 -4.41 20.17 9.55
C ASN A 105 -4.55 18.72 9.19
N LEU A 106 -3.39 18.17 8.83
CA LEU A 106 -3.19 16.79 8.51
C LEU A 106 -2.02 16.24 9.35
N PRO A 107 -2.34 15.64 10.51
CA PRO A 107 -1.34 14.96 11.33
C PRO A 107 -1.31 13.52 10.83
N ILE A 108 -0.16 12.88 10.98
CA ILE A 108 0.02 11.54 10.43
C ILE A 108 0.56 10.71 11.58
N GLU A 109 -0.17 9.67 11.96
CA GLU A 109 0.32 8.67 12.90
C GLU A 109 1.22 7.66 12.23
N ASN A 110 0.90 7.28 10.99
CA ASN A 110 1.72 6.31 10.29
C ASN A 110 1.65 6.59 8.80
N GLY A 111 2.81 6.74 8.16
CA GLY A 111 2.88 6.89 6.68
C GLY A 111 3.67 8.16 6.42
N LEU A 112 3.78 8.52 5.14
CA LEU A 112 4.67 9.61 4.67
C LEU A 112 4.00 10.44 3.63
N ILE A 113 4.23 11.75 3.66
CA ILE A 113 3.89 12.57 2.52
C ILE A 113 4.96 12.35 1.45
N VAL A 114 4.56 11.98 0.21
CA VAL A 114 5.45 11.65 -0.86
C VAL A 114 5.18 12.49 -2.10
N GLY A 115 4.26 13.48 -2.03
CA GLY A 115 3.94 14.27 -3.24
C GLY A 115 3.00 15.43 -2.90
N PHE A 116 3.12 16.50 -3.66
CA PHE A 116 2.12 17.59 -3.57
C PHE A 116 1.50 17.86 -4.93
N LYS A 117 0.25 18.39 -4.88
CA LYS A 117 -0.39 18.95 -6.08
C LYS A 117 -1.24 20.12 -5.56
N GLY A 118 -1.78 20.91 -6.49
CA GLY A 118 -2.57 22.08 -6.14
C GLY A 118 -2.64 23.07 -7.25
N SER A 119 -2.82 24.34 -6.87
CA SER A 119 -3.02 25.39 -7.87
C SER A 119 -2.46 26.69 -7.24
N ILE A 120 -1.70 27.48 -7.98
CA ILE A 120 -1.19 28.77 -7.50
C ILE A 120 -1.53 29.84 -8.53
N GLY A 121 -2.22 30.91 -8.09
CA GLY A 121 -2.44 32.09 -8.96
C GLY A 121 -1.54 33.17 -8.36
N TYR A 122 -2.13 34.26 -7.83
CA TYR A 122 -1.33 35.20 -7.09
C TYR A 122 -0.85 34.49 -5.82
N TRP A 123 -1.69 33.60 -5.26
CA TRP A 123 -1.32 32.90 -4.02
C TRP A 123 -1.62 31.42 -4.24
N LEU A 124 -1.16 30.62 -3.28
CA LEU A 124 -1.53 29.19 -3.21
C LEU A 124 -3.02 29.05 -2.96
N ASP A 125 -3.74 28.60 -4.01
CA ASP A 125 -5.19 28.52 -3.97
C ASP A 125 -5.63 27.34 -3.08
N TYR A 126 -5.01 26.16 -3.32
CA TYR A 126 -5.35 24.91 -2.64
C TYR A 126 -4.24 23.90 -2.95
N PHE A 127 -4.18 22.84 -2.12
CA PHE A 127 -3.17 21.80 -2.34
C PHE A 127 -3.71 20.49 -1.78
N SER A 128 -3.13 19.38 -2.28
CA SER A 128 -3.37 18.05 -1.74
C SER A 128 -2.08 17.33 -1.62
N MET A 129 -2.05 16.26 -0.81
CA MET A 129 -0.80 15.54 -0.61
C MET A 129 -1.01 14.02 -0.90
N TYR A 130 -0.02 13.45 -1.56
CA TYR A 130 0.06 12.03 -1.78
C TYR A 130 0.67 11.40 -0.52
N LEU A 131 0.04 10.35 -0.02
CA LEU A 131 0.56 9.60 1.17
C LEU A 131 0.98 8.19 0.84
N SER A 132 2.04 7.73 1.47
CA SER A 132 2.47 6.34 1.24
C SER A 132 3.06 5.75 2.53
N LEU A 133 3.10 4.42 2.66
CA LEU A 133 3.83 3.79 3.77
C LEU A 133 5.30 3.80 3.51
N GLN B 2 -7.09 -3.33 -13.45
CA GLN B 2 -6.04 -2.28 -13.38
C GLN B 2 -5.68 -1.68 -14.74
N SER B 3 -4.97 -0.56 -14.68
CA SER B 3 -4.09 -0.15 -15.77
C SER B 3 -2.71 -0.42 -15.26
N GLY B 4 -1.73 -0.12 -16.08
CA GLY B 4 -0.35 -0.24 -15.60
C GLY B 4 0.21 0.95 -14.86
N ILE B 5 -0.66 1.90 -14.48
CA ILE B 5 -0.25 3.06 -13.64
C ILE B 5 -0.51 2.73 -12.16
N SER B 6 0.55 2.80 -11.37
CA SER B 6 0.50 2.56 -9.95
C SER B 6 -0.32 3.70 -9.30
N GLN B 7 -0.87 3.39 -8.12
CA GLN B 7 -1.88 4.25 -7.45
C GLN B 7 -1.34 4.62 -6.09
N THR B 8 -1.82 5.76 -5.61
CA THR B 8 -1.40 6.26 -4.31
C THR B 8 -2.60 6.89 -3.59
N VAL B 9 -2.65 6.79 -2.24
CA VAL B 9 -3.55 7.60 -1.41
C VAL B 9 -3.31 9.09 -1.60
N ILE B 10 -4.38 9.88 -1.73
CA ILE B 10 -4.21 11.34 -1.84
C ILE B 10 -5.22 11.93 -0.88
N VAL B 11 -4.74 12.76 0.01
CA VAL B 11 -5.64 13.47 0.85
C VAL B 11 -5.67 14.95 0.48
N GLY B 12 -6.84 15.62 0.66
CA GLY B 12 -7.01 16.99 0.22
C GLY B 12 -8.23 17.11 -0.71
N PRO B 13 -8.50 18.32 -1.26
CA PRO B 13 -7.66 19.51 -1.12
C PRO B 13 -8.03 20.34 0.11
N TRP B 14 -7.06 21.16 0.53
CA TRP B 14 -7.30 22.28 1.46
C TRP B 14 -7.06 23.56 0.80
N GLY B 15 -7.98 24.50 1.01
CA GLY B 15 -7.91 25.83 0.40
C GLY B 15 -9.21 26.14 -0.27
N ALA B 16 -9.15 26.80 -1.42
CA ALA B 16 -10.32 27.10 -2.23
C ALA B 16 -11.06 25.84 -2.77
N LYS B 17 -12.38 25.94 -2.81
CA LYS B 17 -13.17 24.83 -3.40
C LYS B 17 -13.44 25.11 -4.86
N GLY C 1 -10.74 9.73 29.27
CA GLY C 1 -11.50 8.87 28.30
C GLY C 1 -10.88 7.48 28.22
N LYS C 2 -11.61 6.54 27.63
CA LYS C 2 -11.06 5.22 27.37
C LYS C 2 -10.61 5.21 25.89
N ALA C 3 -9.34 4.91 25.63
CA ALA C 3 -8.87 4.67 24.28
C ALA C 3 -9.53 3.49 23.59
N PHE C 4 -9.64 3.58 22.27
CA PHE C 4 -10.12 2.46 21.44
C PHE C 4 -9.32 2.46 20.15
N ASP C 5 -9.35 1.32 19.45
CA ASP C 5 -8.61 1.13 18.21
C ASP C 5 -9.21 -0.08 17.51
N ASP C 6 -10.07 0.15 16.54
CA ASP C 6 -10.66 -0.95 15.79
C ASP C 6 -9.66 -1.70 14.92
N GLY C 7 -8.57 -1.02 14.48
CA GLY C 7 -7.74 -1.51 13.44
C GLY C 7 -8.34 -1.30 12.06
N ALA C 8 -7.77 -2.05 11.16
CA ALA C 8 -8.00 -1.87 9.72
C ALA C 8 -8.83 -3.00 9.14
N PHE C 9 -9.70 -2.62 8.22
CA PHE C 9 -10.68 -3.52 7.61
C PHE C 9 -10.64 -3.28 6.13
N THR C 10 -11.73 -3.65 5.42
CA THR C 10 -11.69 -3.48 3.99
C THR C 10 -12.68 -2.43 3.48
N GLY C 11 -13.38 -1.78 4.42
CA GLY C 11 -14.26 -0.64 4.05
C GLY C 11 -15.28 -0.52 5.13
N ILE C 12 -16.27 0.35 4.87
CA ILE C 12 -17.24 0.73 5.90
C ILE C 12 -18.63 0.52 5.37
N ARG C 13 -19.42 -0.19 6.18
CA ARG C 13 -20.81 -0.47 5.77
C ARG C 13 -21.78 0.43 6.50
N GLU C 14 -21.52 0.75 7.78
CA GLU C 14 -22.50 1.43 8.57
C GLU C 14 -21.79 2.15 9.70
N ILE C 15 -22.25 3.34 10.08
CA ILE C 15 -21.66 4.02 11.26
C ILE C 15 -22.78 4.26 12.21
N ASN C 16 -22.64 3.78 13.45
CA ASN C 16 -23.61 4.08 14.46
C ASN C 16 -22.95 5.06 15.44
N LEU C 17 -23.53 6.25 15.56
CA LEU C 17 -22.96 7.25 16.50
C LEU C 17 -24.06 7.82 17.37
N SER C 18 -23.71 8.60 18.38
CA SER C 18 -24.81 9.35 19.05
C SER C 18 -24.30 10.73 19.38
N TYR C 19 -25.23 11.65 19.62
CA TYR C 19 -24.88 13.01 19.90
C TYR C 19 -25.95 13.67 20.74
N ASN C 20 -25.59 14.79 21.34
CA ASN C 20 -26.60 15.64 21.90
C ASN C 20 -26.46 17.08 21.37
N LYS C 21 -27.59 17.69 21.05
CA LYS C 21 -27.60 19.06 20.53
C LYS C 21 -27.14 20.14 21.51
N GLU C 22 -27.06 19.88 22.82
CA GLU C 22 -26.46 20.86 23.77
C GLU C 22 -24.98 20.54 24.08
N THR C 23 -24.54 19.33 23.74
CA THR C 23 -23.19 18.93 24.16
C THR C 23 -22.34 18.51 22.96
N ALA C 24 -22.23 17.19 22.75
CA ALA C 24 -21.28 16.74 21.77
C ALA C 24 -21.58 15.32 21.33
N ILE C 25 -20.60 14.74 20.63
CA ILE C 25 -20.69 13.36 20.14
C ILE C 25 -20.42 12.44 21.31
N GLY C 26 -21.28 11.43 21.47
CA GLY C 26 -21.25 10.56 22.63
C GLY C 26 -20.61 9.23 22.31
N ASP C 27 -21.28 8.40 21.52
CA ASP C 27 -20.84 7.00 21.32
C ASP C 27 -20.53 6.77 19.84
N PHE C 28 -19.85 5.68 19.55
CA PHE C 28 -19.38 5.49 18.19
C PHE C 28 -19.13 3.97 17.96
N GLN C 29 -19.77 3.44 16.92
CA GLN C 29 -19.66 2.03 16.59
C GLN C 29 -19.66 1.93 15.05
N VAL C 30 -18.73 1.12 14.47
CA VAL C 30 -18.71 0.97 13.01
C VAL C 30 -18.94 -0.49 12.62
N VAL C 31 -19.78 -0.72 11.62
CA VAL C 31 -19.89 -2.04 10.94
C VAL C 31 -18.98 -1.94 9.69
N TYR C 32 -17.80 -2.58 9.81
CA TYR C 32 -16.87 -2.63 8.70
C TYR C 32 -17.28 -3.64 7.68
N ASP C 33 -16.66 -3.52 6.52
CA ASP C 33 -16.53 -4.64 5.59
C ASP C 33 -15.27 -5.36 5.85
N LEU C 34 -15.36 -6.69 5.80
CA LEU C 34 -14.17 -7.54 5.88
C LEU C 34 -14.26 -8.55 4.75
N ASN C 35 -13.57 -8.24 3.65
CA ASN C 35 -13.52 -9.12 2.49
C ASN C 35 -14.92 -9.45 1.99
N GLY C 36 -15.80 -8.45 1.99
CA GLY C 36 -17.17 -8.56 1.41
C GLY C 36 -18.19 -9.10 2.39
N SER C 37 -17.74 -9.35 3.62
CA SER C 37 -18.63 -9.70 4.71
C SER C 37 -18.70 -8.61 5.80
N PRO C 38 -19.89 -8.47 6.43
CA PRO C 38 -20.00 -7.49 7.54
C PRO C 38 -19.21 -7.87 8.79
N TYR C 39 -18.49 -6.92 9.38
CA TYR C 39 -17.80 -7.17 10.65
C TYR C 39 -18.30 -6.11 11.67
N VAL C 40 -19.01 -6.54 12.72
CA VAL C 40 -19.66 -5.59 13.64
C VAL C 40 -18.57 -5.16 14.64
N GLY C 41 -18.10 -3.92 14.52
CA GLY C 41 -17.03 -3.37 15.37
C GLY C 41 -17.43 -3.30 16.81
N GLN C 42 -16.47 -3.21 17.73
CA GLN C 42 -16.80 -2.89 19.13
C GLN C 42 -17.64 -1.60 19.23
N ASN C 43 -18.49 -1.54 20.24
CA ASN C 43 -19.35 -0.36 20.44
C ASN C 43 -18.70 0.53 21.53
N HIS C 44 -18.19 1.71 21.16
CA HIS C 44 -17.40 2.57 22.04
C HIS C 44 -18.33 3.54 22.70
N LYS C 45 -18.62 3.30 24.00
CA LYS C 45 -19.69 4.08 24.63
C LYS C 45 -19.13 5.16 25.55
N SER C 46 -19.82 6.28 25.62
CA SER C 46 -19.54 7.30 26.61
C SER C 46 -19.72 6.76 28.03
N PHE C 47 -18.97 7.33 28.98
CA PHE C 47 -19.22 7.08 30.40
C PHE C 47 -20.67 7.48 30.86
N ILE C 48 -21.36 8.37 30.13
CA ILE C 48 -22.71 8.80 30.52
C ILE C 48 -23.67 8.47 29.39
N THR C 49 -24.97 8.67 29.62
CA THR C 49 -26.00 8.25 28.66
C THR C 49 -26.98 9.41 28.55
N GLY C 50 -27.89 9.37 27.58
CA GLY C 50 -28.71 10.54 27.29
C GLY C 50 -28.65 10.93 25.82
N PHE C 51 -27.71 10.36 25.06
CA PHE C 51 -27.50 10.81 23.64
C PHE C 51 -28.52 10.28 22.69
N THR C 52 -28.70 11.00 21.57
CA THR C 52 -29.63 10.59 20.52
C THR C 52 -28.87 9.72 19.52
N PRO C 53 -29.31 8.46 19.31
CA PRO C 53 -28.55 7.58 18.43
C PRO C 53 -28.89 7.84 16.93
N VAL C 54 -27.88 7.67 16.07
CA VAL C 54 -28.05 7.80 14.60
C VAL C 54 -27.40 6.59 13.94
N LYS C 55 -28.04 6.08 12.88
CA LYS C 55 -27.42 4.99 12.11
C LYS C 55 -27.18 5.57 10.69
N ILE C 56 -25.91 5.59 10.23
CA ILE C 56 -25.58 5.95 8.84
C ILE C 56 -25.38 4.60 8.09
N SER C 57 -26.36 4.22 7.26
CA SER C 57 -26.28 2.94 6.54
C SER C 57 -25.87 3.23 5.07
N LEU C 58 -24.60 3.00 4.77
CA LEU C 58 -24.11 3.27 3.42
C LEU C 58 -24.49 2.17 2.44
N ASP C 59 -24.74 2.57 1.21
CA ASP C 59 -24.95 1.58 0.15
C ASP C 59 -23.63 0.96 -0.35
N PHE C 60 -23.05 0.09 0.47
CA PHE C 60 -21.74 -0.50 0.18
C PHE C 60 -21.96 -1.61 -0.87
N PRO C 61 -21.04 -1.79 -1.83
CA PRO C 61 -19.77 -1.07 -1.98
C PRO C 61 -19.80 0.18 -2.87
N SER C 62 -20.93 0.58 -3.44
CA SER C 62 -20.86 1.71 -4.36
C SER C 62 -20.72 3.02 -3.63
N GLU C 63 -21.19 3.08 -2.37
CA GLU C 63 -21.14 4.31 -1.59
C GLU C 63 -19.98 4.25 -0.61
N TYR C 64 -19.18 5.32 -0.56
CA TYR C 64 -18.04 5.44 0.30
C TYR C 64 -17.82 6.89 0.76
N ILE C 65 -17.23 7.04 1.94
CA ILE C 65 -16.98 8.37 2.51
C ILE C 65 -15.83 9.08 1.74
N MET C 66 -16.07 10.30 1.27
CA MET C 66 -15.03 11.16 0.64
C MET C 66 -14.49 12.29 1.56
N GLU C 67 -15.26 12.69 2.57
CA GLU C 67 -14.78 13.70 3.53
C GLU C 67 -15.41 13.51 4.89
N VAL C 68 -14.58 13.61 5.94
CA VAL C 68 -15.07 13.65 7.29
C VAL C 68 -14.72 15.06 7.77
N SER C 69 -15.65 15.69 8.44
CA SER C 69 -15.37 17.00 9.03
C SER C 69 -16.11 17.15 10.34
N GLY C 70 -15.82 18.22 11.07
CA GLY C 70 -16.39 18.38 12.42
C GLY C 70 -15.92 19.64 13.07
N TYR C 71 -16.33 19.77 14.34
CA TYR C 71 -15.95 20.91 15.19
C TYR C 71 -15.51 20.36 16.51
N THR C 72 -14.44 20.92 17.02
CA THR C 72 -14.05 20.69 18.37
C THR C 72 -14.24 21.90 19.25
N GLY C 73 -14.69 21.66 20.49
CA GLY C 73 -14.94 22.78 21.37
C GLY C 73 -15.11 22.30 22.78
N ASN C 74 -15.28 23.29 23.68
CA ASN C 74 -15.23 23.00 25.12
C ASN C 74 -16.65 22.79 25.65
N VAL C 75 -16.88 21.63 26.29
CA VAL C 75 -18.19 21.27 26.91
C VAL C 75 -17.92 20.95 28.39
N SER C 76 -18.44 21.81 29.26
CA SER C 76 -18.30 21.66 30.73
C SER C 76 -16.88 21.39 31.16
N GLY C 77 -15.92 22.04 30.48
CA GLY C 77 -14.53 21.90 30.88
C GLY C 77 -13.78 20.90 30.01
N TYR C 78 -14.48 20.19 29.12
CA TYR C 78 -13.76 19.15 28.32
C TYR C 78 -13.72 19.61 26.90
N VAL C 79 -12.53 19.55 26.28
CA VAL C 79 -12.43 19.80 24.84
C VAL C 79 -12.64 18.53 24.03
N VAL C 80 -13.73 18.54 23.25
CA VAL C 80 -14.20 17.30 22.62
C VAL C 80 -14.69 17.54 21.21
N VAL C 81 -14.98 16.43 20.50
CA VAL C 81 -15.57 16.56 19.21
C VAL C 81 -17.09 16.84 19.37
N ARG C 82 -17.51 18.04 18.95
CA ARG C 82 -18.84 18.53 19.24
C ARG C 82 -19.76 18.25 18.11
N SER C 83 -19.16 18.05 16.93
CA SER C 83 -19.95 17.82 15.72
C SER C 83 -19.21 16.86 14.75
N LEU C 84 -19.97 16.06 13.99
CA LEU C 84 -19.41 15.27 12.90
C LEU C 84 -20.29 15.33 11.70
N THR C 85 -19.65 15.38 10.55
CA THR C 85 -20.39 15.27 9.29
C THR C 85 -19.66 14.26 8.41
N PHE C 86 -20.42 13.43 7.68
CA PHE C 86 -19.82 12.43 6.79
C PHE C 86 -20.37 12.68 5.40
N LYS C 87 -19.50 13.05 4.49
CA LYS C 87 -19.90 13.29 3.10
C LYS C 87 -19.45 12.12 2.23
N THR C 88 -20.36 11.51 1.49
CA THR C 88 -19.97 10.38 0.64
C THR C 88 -20.13 10.85 -0.79
N ASN C 89 -19.84 9.97 -1.76
CA ASN C 89 -20.05 10.26 -3.20
C ASN C 89 -21.57 10.33 -3.51
N LYS C 90 -22.37 9.93 -2.55
CA LYS C 90 -23.83 9.88 -2.72
C LYS C 90 -24.55 10.99 -2.00
N LYS C 91 -24.19 11.28 -0.75
CA LYS C 91 -24.80 12.43 -0.08
C LYS C 91 -24.08 12.77 1.21
N THR C 92 -24.62 13.73 1.97
CA THR C 92 -24.00 14.24 3.22
C THR C 92 -24.86 13.79 4.40
N TYR C 93 -24.21 13.20 5.39
CA TYR C 93 -24.85 12.76 6.62
C TYR C 93 -24.38 13.70 7.70
N GLY C 94 -25.31 14.43 8.29
CA GLY C 94 -24.93 15.40 9.32
C GLY C 94 -25.06 16.85 8.84
N PRO C 95 -24.65 17.83 9.68
CA PRO C 95 -23.87 17.73 10.92
C PRO C 95 -24.70 17.09 12.03
N TYR C 96 -24.09 16.20 12.79
CA TYR C 96 -24.73 15.71 14.00
C TYR C 96 -24.01 16.40 15.19
N GLY C 97 -24.76 17.05 16.07
CA GLY C 97 -24.16 17.66 17.28
C GLY C 97 -24.24 19.18 17.27
N VAL C 98 -23.21 19.82 17.75
CA VAL C 98 -23.17 21.27 17.77
C VAL C 98 -22.01 21.79 16.94
N THR C 99 -22.31 22.59 15.92
CA THR C 99 -21.29 23.05 14.98
C THR C 99 -20.65 24.39 15.38
N SER C 100 -19.97 24.37 16.51
CA SER C 100 -19.36 25.55 17.04
C SER C 100 -18.00 25.12 17.60
N GLY C 101 -16.98 25.95 17.43
CA GLY C 101 -15.66 25.58 17.96
C GLY C 101 -14.64 25.66 16.83
N THR C 102 -13.59 24.86 16.85
CA THR C 102 -12.54 24.93 15.80
C THR C 102 -12.91 23.85 14.77
N PRO C 103 -12.92 24.21 13.51
CA PRO C 103 -13.28 23.19 12.52
C PRO C 103 -12.11 22.27 12.23
N PHE C 104 -12.41 21.06 11.73
CA PHE C 104 -11.40 20.22 11.10
C PHE C 104 -12.08 19.46 9.92
N ASN C 105 -11.25 19.00 8.98
CA ASN C 105 -11.75 18.16 7.92
C ASN C 105 -10.65 17.29 7.34
N LEU C 106 -11.03 16.05 7.00
CA LEU C 106 -10.19 15.18 6.16
C LEU C 106 -10.91 14.85 4.85
N PRO C 107 -10.62 15.58 3.78
CA PRO C 107 -11.09 15.28 2.47
C PRO C 107 -10.15 14.23 1.80
N ILE C 108 -10.69 13.31 1.03
CA ILE C 108 -9.88 12.21 0.40
C ILE C 108 -10.10 12.32 -1.09
N GLU C 109 -9.01 12.48 -1.83
CA GLU C 109 -9.10 12.42 -3.30
C GLU C 109 -8.96 10.99 -3.80
N ASN C 110 -8.13 10.21 -3.15
CA ASN C 110 -8.01 8.83 -3.58
C ASN C 110 -7.70 7.95 -2.39
N GLY C 111 -8.46 6.86 -2.25
CA GLY C 111 -8.33 6.01 -1.06
C GLY C 111 -9.58 5.90 -0.21
N LEU C 112 -9.52 5.01 0.81
CA LEU C 112 -10.68 4.69 1.61
C LEU C 112 -10.33 4.74 3.05
N ILE C 113 -11.26 5.26 3.86
CA ILE C 113 -11.19 5.08 5.36
C ILE C 113 -11.49 3.61 5.64
N VAL C 114 -10.60 2.91 6.35
CA VAL C 114 -10.86 1.50 6.60
C VAL C 114 -10.80 1.14 8.09
N GLY C 115 -10.78 2.15 8.95
CA GLY C 115 -10.80 1.89 10.38
C GLY C 115 -10.72 3.19 11.14
N PHE C 116 -11.12 3.10 12.41
CA PHE C 116 -11.10 4.24 13.34
C PHE C 116 -10.43 3.86 14.64
N LYS C 117 -9.82 4.86 15.27
CA LYS C 117 -9.26 4.71 16.63
C LYS C 117 -9.53 6.07 17.28
N GLY C 118 -9.35 6.11 18.60
CA GLY C 118 -9.68 7.33 19.30
C GLY C 118 -9.86 7.17 20.75
N SER C 119 -10.63 8.09 21.36
CA SER C 119 -10.75 8.05 22.80
C SER C 119 -12.11 8.62 23.15
N ILE C 120 -12.84 8.00 24.11
CA ILE C 120 -14.16 8.53 24.45
C ILE C 120 -14.23 8.56 25.97
N GLY C 121 -14.62 9.70 26.53
CA GLY C 121 -14.84 9.84 27.99
C GLY C 121 -16.33 10.10 28.20
N TYR C 122 -16.71 11.28 28.74
CA TYR C 122 -18.10 11.76 28.60
C TYR C 122 -18.47 11.90 27.11
N TRP C 123 -17.50 12.42 26.33
CA TRP C 123 -17.69 12.61 24.89
C TRP C 123 -16.50 12.07 24.09
N LEU C 124 -16.68 12.09 22.77
CA LEU C 124 -15.61 11.72 21.85
C LEU C 124 -14.45 12.76 21.93
N ASP C 125 -13.29 12.34 22.44
CA ASP C 125 -12.19 13.27 22.74
C ASP C 125 -11.41 13.60 21.50
N TYR C 126 -11.17 12.55 20.72
CA TYR C 126 -10.42 12.67 19.48
C TYR C 126 -10.50 11.34 18.77
N PHE C 127 -10.18 11.36 17.47
CA PHE C 127 -10.14 10.13 16.60
C PHE C 127 -9.14 10.24 15.45
N SER C 128 -8.62 9.09 15.04
CA SER C 128 -7.76 9.01 13.89
C SER C 128 -8.45 8.01 12.94
N MET C 129 -7.97 7.99 11.70
CA MET C 129 -8.56 7.10 10.69
C MET C 129 -7.46 6.34 9.95
N TYR C 130 -7.70 5.04 9.74
CA TYR C 130 -6.83 4.22 8.93
C TYR C 130 -7.24 4.41 7.47
N LEU C 131 -6.29 4.61 6.57
CA LEU C 131 -6.58 4.80 5.13
C LEU C 131 -5.90 3.76 4.28
N SER C 132 -6.55 3.36 3.19
CA SER C 132 -5.95 2.35 2.40
C SER C 132 -6.46 2.49 0.97
N LEU C 133 -5.68 2.00 0.02
CA LEU C 133 -6.24 1.89 -1.36
C LEU C 133 -7.19 0.68 -1.48
N GLN D 2 11.35 -5.96 10.57
CA GLN D 2 9.91 -6.23 10.35
C GLN D 2 9.28 -6.90 11.60
N SER D 3 7.96 -6.87 11.69
CA SER D 3 7.27 -7.93 12.44
C SER D 3 6.21 -8.42 11.48
N GLY D 4 5.47 -9.43 11.92
CA GLY D 4 4.49 -10.06 11.09
C GLY D 4 3.15 -9.42 11.12
N ILE D 5 3.09 -8.20 11.65
CA ILE D 5 1.81 -7.44 11.63
C ILE D 5 1.85 -6.47 10.50
N SER D 6 0.87 -6.57 9.62
CA SER D 6 0.75 -5.72 8.46
CA SER D 6 0.85 -5.71 8.47
C SER D 6 0.50 -4.28 8.91
N GLN D 7 0.86 -3.34 8.06
CA GLN D 7 0.61 -1.95 8.42
C GLN D 7 -0.23 -1.12 7.48
N THR D 8 -0.63 0.05 7.92
CA THR D 8 -1.66 0.81 7.20
C THR D 8 -1.39 2.29 7.52
N VAL D 9 -1.56 3.14 6.50
CA VAL D 9 -1.54 4.60 6.71
C VAL D 9 -2.59 5.00 7.75
N ILE D 10 -2.19 5.88 8.67
CA ILE D 10 -3.14 6.42 9.67
C ILE D 10 -3.01 7.92 9.70
N VAL D 11 -4.15 8.60 9.66
CA VAL D 11 -4.08 10.07 9.73
C VAL D 11 -4.89 10.49 10.93
N GLY D 12 -4.49 11.60 11.53
CA GLY D 12 -5.12 12.03 12.78
C GLY D 12 -4.07 12.21 13.84
N PRO D 13 -4.52 12.49 15.04
CA PRO D 13 -5.92 12.65 15.45
C PRO D 13 -6.48 14.03 15.23
N TRP D 14 -7.81 14.12 15.14
CA TRP D 14 -8.51 15.38 15.27
C TRP D 14 -9.35 15.35 16.51
N GLY D 15 -9.60 16.52 17.08
CA GLY D 15 -10.36 16.64 18.32
C GLY D 15 -9.48 17.34 19.35
N ALA D 16 -8.81 18.41 18.95
CA ALA D 16 -7.73 18.94 19.84
C ALA D 16 -6.98 17.74 20.49
N LYS D 17 -6.59 16.79 19.63
CA LYS D 17 -5.45 15.86 19.77
C LYS D 17 -5.39 14.97 21.01
N GLY E 1 29.15 -10.89 -9.13
CA GLY E 1 28.50 -9.91 -10.01
C GLY E 1 28.48 -8.52 -9.44
N LYS E 2 27.87 -7.59 -10.19
CA LYS E 2 27.60 -6.22 -9.74
C LYS E 2 26.12 -6.11 -9.42
N ALA E 3 25.83 -5.84 -8.15
CA ALA E 3 24.46 -5.61 -7.67
C ALA E 3 23.90 -4.37 -8.32
N PHE E 4 22.57 -4.35 -8.58
CA PHE E 4 21.90 -3.11 -8.96
C PHE E 4 20.58 -3.08 -8.28
N ASP E 5 20.06 -1.88 -8.14
CA ASP E 5 18.75 -1.73 -7.54
C ASP E 5 18.07 -0.45 -8.09
N ASP E 6 17.04 -0.59 -8.95
CA ASP E 6 16.44 0.60 -9.58
C ASP E 6 15.54 1.39 -8.63
N GLY E 7 15.13 0.73 -7.55
CA GLY E 7 14.01 1.17 -6.73
C GLY E 7 12.66 1.06 -7.36
N ALA E 8 11.73 1.89 -6.88
CA ALA E 8 10.28 1.76 -7.24
C ALA E 8 9.79 2.96 -8.05
N PHE E 9 8.96 2.69 -9.06
CA PHE E 9 8.48 3.73 -9.97
C PHE E 9 6.94 3.65 -10.05
N THR E 10 6.32 4.21 -11.08
CA THR E 10 4.87 4.04 -11.09
C THR E 10 4.38 3.10 -12.22
N GLY E 11 5.30 2.42 -12.92
CA GLY E 11 4.82 1.48 -14.00
C GLY E 11 6.03 1.12 -14.85
N ILE E 12 5.78 0.30 -15.86
CA ILE E 12 6.80 -0.04 -16.80
C ILE E 12 6.32 0.29 -18.21
N ARG E 13 7.16 1.04 -18.93
CA ARG E 13 6.95 1.34 -20.33
C ARG E 13 7.68 0.44 -21.32
N GLU E 14 8.93 0.07 -21.03
CA GLU E 14 9.72 -0.76 -21.96
C GLU E 14 10.77 -1.53 -21.20
N ILE E 15 11.09 -2.72 -21.70
CA ILE E 15 12.22 -3.48 -21.15
C ILE E 15 13.22 -3.76 -22.26
N ASN E 16 14.49 -3.47 -21.99
CA ASN E 16 15.53 -3.72 -22.90
C ASN E 16 16.38 -4.78 -22.22
N LEU E 17 16.52 -5.96 -22.85
CA LEU E 17 17.38 -6.98 -22.31
C LEU E 17 18.22 -7.64 -23.40
N SER E 18 19.19 -8.45 -23.05
CA SER E 18 19.94 -9.13 -24.12
C SER E 18 20.11 -10.56 -23.71
N TYR E 19 20.40 -11.47 -24.63
CA TYR E 19 20.54 -12.89 -24.27
C TYR E 19 21.39 -13.53 -25.33
N ASN E 20 21.75 -14.75 -25.07
CA ASN E 20 22.42 -15.57 -26.03
C ASN E 20 21.77 -16.97 -25.92
N LYS E 21 21.38 -17.52 -27.07
CA LYS E 21 20.64 -18.78 -27.19
C LYS E 21 21.39 -19.99 -26.65
N GLU E 22 22.67 -19.84 -26.29
CA GLU E 22 23.36 -20.99 -25.66
C GLU E 22 23.90 -20.76 -24.26
N THR E 23 23.72 -19.55 -23.72
CA THR E 23 24.19 -19.31 -22.34
C THR E 23 23.03 -18.83 -21.45
N ALA E 24 22.78 -17.51 -21.42
CA ALA E 24 21.86 -16.95 -20.43
C ALA E 24 21.54 -15.51 -20.77
N ILE E 25 20.71 -14.87 -19.95
CA ILE E 25 20.46 -13.44 -20.06
C ILE E 25 21.70 -12.65 -19.75
N GLY E 26 21.97 -11.62 -20.58
CA GLY E 26 23.15 -10.76 -20.29
C GLY E 26 22.78 -9.42 -19.68
N ASP E 27 22.29 -8.49 -20.48
CA ASP E 27 21.98 -7.13 -20.03
C ASP E 27 20.55 -6.91 -19.69
N PHE E 28 20.28 -5.87 -18.92
CA PHE E 28 18.90 -5.55 -18.54
C PHE E 28 18.73 -4.04 -18.31
N GLN E 29 17.74 -3.43 -18.95
CA GLN E 29 17.50 -2.02 -18.76
C GLN E 29 15.99 -1.78 -18.86
N VAL E 30 15.43 -1.02 -17.91
CA VAL E 30 13.99 -0.72 -17.94
C VAL E 30 13.71 0.76 -18.12
N VAL E 31 12.81 1.07 -19.08
CA VAL E 31 12.21 2.38 -19.09
C VAL E 31 10.91 2.31 -18.27
N TYR E 32 10.97 2.99 -17.10
CA TYR E 32 9.82 3.06 -16.18
C TYR E 32 8.91 4.19 -16.56
N ASP E 33 7.67 4.10 -16.09
CA ASP E 33 6.84 5.29 -16.01
C ASP E 33 7.14 5.99 -14.66
N LEU E 34 7.22 7.33 -14.60
CA LEU E 34 7.26 8.00 -13.30
C LEU E 34 6.15 9.10 -13.36
N ASN E 35 5.05 8.86 -12.67
CA ASN E 35 3.92 9.81 -12.72
C ASN E 35 3.56 10.31 -14.13
N GLY E 36 3.58 9.41 -15.10
CA GLY E 36 3.11 9.75 -16.47
C GLY E 36 4.18 10.15 -17.45
N SER E 37 5.45 10.24 -17.00
CA SER E 37 6.56 10.57 -17.88
C SER E 37 7.52 9.41 -17.87
N PRO E 38 8.13 9.13 -19.04
CA PRO E 38 9.14 8.07 -19.06
C PRO E 38 10.33 8.44 -18.23
N TYR E 39 10.85 7.44 -17.51
CA TYR E 39 12.12 7.60 -16.80
C TYR E 39 13.04 6.47 -17.30
N VAL E 40 14.12 6.82 -18.01
CA VAL E 40 15.02 5.77 -18.58
C VAL E 40 15.94 5.25 -17.48
N GLY E 41 15.71 4.03 -17.02
CA GLY E 41 16.49 3.47 -15.90
C GLY E 41 17.95 3.21 -16.27
N GLN E 42 18.78 3.10 -15.26
CA GLN E 42 20.14 2.68 -15.48
C GLN E 42 20.17 1.41 -16.35
N ASN E 43 21.22 1.30 -17.17
CA ASN E 43 21.44 0.16 -18.07
C ASN E 43 22.42 -0.83 -17.46
N HIS E 44 21.92 -1.98 -16.97
CA HIS E 44 22.71 -2.99 -16.22
C HIS E 44 23.28 -3.91 -17.19
N LYS E 45 24.59 -3.75 -17.43
CA LYS E 45 25.29 -4.52 -18.50
C LYS E 45 26.09 -5.65 -17.92
N SER E 46 26.16 -6.73 -18.68
CA SER E 46 27.12 -7.76 -18.42
C SER E 46 28.56 -7.18 -18.51
N PHE E 47 29.47 -7.89 -17.86
CA PHE E 47 30.89 -7.62 -17.96
C PHE E 47 31.43 -8.08 -19.35
N ILE E 48 30.68 -8.89 -20.09
CA ILE E 48 31.08 -9.30 -21.46
C ILE E 48 30.01 -8.83 -22.44
N THR E 49 30.27 -8.87 -23.75
CA THR E 49 29.35 -8.34 -24.73
C THR E 49 29.33 -9.44 -25.79
N GLY E 50 28.41 -9.29 -26.76
CA GLY E 50 28.13 -10.26 -27.81
C GLY E 50 26.69 -10.82 -27.75
N PHE E 51 25.92 -10.30 -26.84
CA PHE E 51 24.55 -10.74 -26.63
C PHE E 51 23.68 -10.15 -27.71
N THR E 52 22.51 -10.76 -27.89
CA THR E 52 21.53 -10.30 -28.87
C THR E 52 20.58 -9.40 -28.11
N PRO E 53 20.49 -8.11 -28.53
CA PRO E 53 19.57 -7.22 -27.84
C PRO E 53 18.09 -7.33 -28.26
N VAL E 54 17.19 -7.01 -27.34
CA VAL E 54 15.75 -7.17 -27.53
C VAL E 54 15.12 -5.93 -26.89
N LYS E 55 14.16 -5.31 -27.54
CA LYS E 55 13.40 -4.25 -26.87
C LYS E 55 11.92 -4.72 -26.84
N ILE E 56 11.35 -4.71 -25.62
CA ILE E 56 9.95 -4.99 -25.40
C ILE E 56 9.29 -3.64 -25.11
N SER E 57 8.46 -3.18 -26.04
CA SER E 57 7.88 -1.82 -25.87
C SER E 57 6.42 -2.01 -25.61
N LEU E 58 5.98 -1.74 -24.38
CA LEU E 58 4.62 -2.09 -23.96
C LEU E 58 3.71 -0.94 -24.35
N ASP E 59 2.44 -1.23 -24.60
CA ASP E 59 1.45 -0.17 -24.88
C ASP E 59 0.94 0.42 -23.56
N PHE E 60 1.79 1.22 -22.91
CA PHE E 60 1.51 1.78 -21.59
C PHE E 60 0.50 2.90 -21.78
N PRO E 61 -0.49 2.99 -20.89
CA PRO E 61 -0.75 2.29 -19.63
C PRO E 61 -1.61 1.05 -19.68
N SER E 62 -2.20 0.72 -20.84
CA SER E 62 -3.16 -0.36 -20.84
C SER E 62 -2.53 -1.72 -20.89
N GLU E 63 -1.28 -1.81 -21.34
CA GLU E 63 -0.64 -3.12 -21.35
C GLU E 63 0.31 -3.16 -20.18
N TYR E 64 0.28 -4.24 -19.41
CA TYR E 64 1.18 -4.39 -18.23
C TYR E 64 1.50 -5.88 -18.01
N ILE E 65 2.65 -6.17 -17.39
CA ILE E 65 3.08 -7.49 -17.17
C ILE E 65 2.17 -8.16 -16.14
N MET E 66 1.73 -9.38 -16.46
CA MET E 66 0.99 -10.22 -15.54
C MET E 66 1.77 -11.42 -15.10
N GLU E 67 2.83 -11.79 -15.85
CA GLU E 67 3.64 -12.87 -15.37
C GLU E 67 5.12 -12.75 -15.81
N VAL E 68 6.04 -12.98 -14.86
CA VAL E 68 7.46 -13.08 -15.24
C VAL E 68 7.82 -14.52 -14.99
N SER E 69 8.38 -15.15 -16.00
CA SER E 69 8.85 -16.51 -15.74
C SER E 69 10.20 -16.71 -16.32
N GLY E 70 10.81 -17.84 -15.98
CA GLY E 70 12.15 -18.05 -16.46
C GLY E 70 12.72 -19.39 -16.02
N TYR E 71 14.01 -19.55 -16.33
CA TYR E 71 14.79 -20.69 -15.88
C TYR E 71 16.12 -20.25 -15.23
N THR E 72 16.49 -20.90 -14.11
CA THR E 72 17.82 -20.67 -13.56
C THR E 72 18.60 -21.94 -13.72
N GLY E 73 19.89 -21.80 -13.99
CA GLY E 73 20.71 -23.02 -14.10
C GLY E 73 22.18 -22.65 -14.24
N ASN E 74 22.98 -23.68 -14.42
CA ASN E 74 24.43 -23.61 -14.45
C ASN E 74 24.94 -23.19 -15.81
N VAL E 75 25.73 -22.11 -15.82
CA VAL E 75 26.56 -21.75 -16.98
C VAL E 75 27.97 -21.55 -16.45
N SER E 76 28.89 -22.37 -16.96
CA SER E 76 30.32 -22.31 -16.61
C SER E 76 30.56 -22.36 -15.12
N GLY E 77 29.77 -23.16 -14.41
CA GLY E 77 29.95 -23.29 -12.95
C GLY E 77 29.19 -22.28 -12.13
N TYR E 78 28.41 -21.39 -12.77
CA TYR E 78 27.65 -20.40 -12.03
C TYR E 78 26.16 -20.62 -12.19
N VAL E 79 25.43 -20.43 -11.11
CA VAL E 79 23.93 -20.41 -11.20
C VAL E 79 23.51 -19.05 -11.73
N VAL E 80 22.82 -19.02 -12.88
CA VAL E 80 22.38 -17.75 -13.50
C VAL E 80 20.97 -17.91 -13.99
N VAL E 81 20.32 -16.80 -14.37
CA VAL E 81 18.99 -16.77 -15.00
C VAL E 81 19.24 -16.95 -16.48
N ARG E 82 18.91 -18.15 -16.93
CA ARG E 82 19.19 -18.58 -18.28
C ARG E 82 18.15 -18.10 -19.25
N SER E 83 16.89 -17.92 -18.80
CA SER E 83 15.87 -17.39 -19.76
C SER E 83 14.83 -16.55 -18.99
N LEU E 84 14.20 -15.64 -19.73
CA LEU E 84 13.05 -14.90 -19.23
C LEU E 84 11.99 -14.90 -20.19
N THR E 85 10.75 -14.88 -19.66
CA THR E 85 9.56 -14.65 -20.48
C THR E 85 8.70 -13.62 -19.78
N PHE E 86 8.25 -12.61 -20.49
CA PHE E 86 7.30 -11.60 -19.92
C PHE E 86 5.94 -11.75 -20.56
N LYS E 87 4.94 -12.09 -19.78
CA LYS E 87 3.57 -12.19 -20.32
C LYS E 87 2.78 -10.99 -19.81
N THR E 88 2.20 -10.27 -20.76
CA THR E 88 1.31 -9.16 -20.43
C THR E 88 -0.15 -9.61 -20.52
N ASN E 89 -1.06 -8.71 -20.23
CA ASN E 89 -2.50 -8.92 -20.49
C ASN E 89 -2.81 -9.02 -21.99
N LYS E 90 -1.87 -8.58 -22.85
CA LYS E 90 -2.13 -8.60 -24.32
C LYS E 90 -1.24 -9.54 -25.15
N LYS E 91 0.03 -9.73 -24.76
CA LYS E 91 1.00 -10.54 -25.61
C LYS E 91 1.98 -11.25 -24.71
N THR E 92 2.68 -12.28 -25.23
CA THR E 92 3.80 -12.87 -24.54
C THR E 92 5.10 -12.51 -25.28
N TYR E 93 6.10 -12.19 -24.48
CA TYR E 93 7.44 -11.78 -25.01
C TYR E 93 8.43 -12.77 -24.48
N GLY E 94 8.98 -13.58 -25.39
CA GLY E 94 9.90 -14.61 -25.00
C GLY E 94 9.40 -16.02 -25.36
N PRO E 95 10.15 -17.03 -24.91
CA PRO E 95 11.32 -16.91 -24.04
C PRO E 95 12.55 -16.38 -24.73
N TYR E 96 13.40 -15.76 -23.90
CA TYR E 96 14.69 -15.27 -24.37
C TYR E 96 15.76 -15.99 -23.60
N GLY E 97 16.72 -16.57 -24.32
CA GLY E 97 17.79 -17.34 -23.63
C GLY E 97 17.63 -18.86 -23.77
N VAL E 98 18.01 -19.64 -22.74
CA VAL E 98 17.98 -21.10 -22.77
C VAL E 98 16.95 -21.59 -21.77
N THR E 99 15.90 -22.28 -22.23
CA THR E 99 14.81 -22.68 -21.32
C THR E 99 15.10 -24.03 -20.71
N SER E 100 16.11 -24.06 -19.85
CA SER E 100 16.55 -25.29 -19.26
C SER E 100 17.13 -25.08 -17.85
N GLY E 101 16.84 -26.01 -16.97
CA GLY E 101 17.22 -25.87 -15.56
C GLY E 101 16.01 -25.84 -14.64
N THR E 102 16.00 -24.95 -13.65
CA THR E 102 14.92 -24.86 -12.68
C THR E 102 13.98 -23.75 -13.11
N PRO E 103 12.69 -24.10 -13.37
CA PRO E 103 11.77 -23.00 -13.70
C PRO E 103 11.41 -22.21 -12.48
N PHE E 104 11.09 -20.93 -12.71
CA PHE E 104 10.42 -20.12 -11.68
C PHE E 104 9.34 -19.31 -12.38
N ASN E 105 8.42 -18.76 -11.61
CA ASN E 105 7.46 -17.87 -12.18
C ASN E 105 6.76 -17.00 -11.16
N LEU E 106 6.54 -15.76 -11.56
CA LEU E 106 5.81 -14.84 -10.71
C LEU E 106 4.57 -14.34 -11.43
N PRO E 107 3.40 -15.00 -11.25
CA PRO E 107 2.13 -14.50 -11.79
C PRO E 107 1.52 -13.54 -10.80
N ILE E 108 0.86 -12.54 -11.37
CA ILE E 108 0.24 -11.49 -10.56
C ILE E 108 -1.25 -11.45 -10.92
N GLU E 109 -2.12 -11.59 -9.93
CA GLU E 109 -3.57 -11.39 -10.14
C GLU E 109 -3.99 -9.96 -9.89
N ASN E 110 -3.35 -9.26 -8.95
CA ASN E 110 -3.66 -7.89 -8.65
C ASN E 110 -2.43 -7.12 -8.22
N GLY E 111 -2.18 -5.97 -8.86
CA GLY E 111 -0.92 -5.23 -8.61
C GLY E 111 0.02 -5.16 -9.78
N LEU E 112 1.13 -4.43 -9.63
CA LEU E 112 2.06 -4.15 -10.72
C LEU E 112 3.48 -4.29 -10.32
N ILE E 113 4.31 -4.74 -11.25
CA ILE E 113 5.79 -4.68 -11.10
C ILE E 113 6.20 -3.22 -11.33
N VAL E 114 6.80 -2.57 -10.34
CA VAL E 114 7.17 -1.16 -10.44
C VAL E 114 8.68 -0.96 -10.27
N GLY E 115 9.48 -2.05 -10.24
CA GLY E 115 10.95 -1.83 -10.14
C GLY E 115 11.62 -3.18 -10.17
N PHE E 116 12.91 -3.17 -10.47
CA PHE E 116 13.75 -4.34 -10.44
C PHE E 116 15.05 -4.05 -9.69
N LYS E 117 15.60 -5.13 -9.13
CA LYS E 117 16.93 -5.10 -8.49
C LYS E 117 17.53 -6.48 -8.81
N GLY E 118 18.82 -6.62 -8.67
CA GLY E 118 19.41 -7.96 -8.84
C GLY E 118 20.91 -7.82 -8.99
N SER E 119 21.53 -8.71 -9.72
CA SER E 119 22.97 -8.74 -9.88
C SER E 119 23.35 -9.34 -11.23
N ILE E 120 24.35 -8.72 -11.90
CA ILE E 120 24.81 -9.19 -13.22
C ILE E 120 26.32 -9.32 -13.21
N GLY E 121 26.80 -10.49 -13.58
CA GLY E 121 28.23 -10.74 -13.72
C GLY E 121 28.48 -10.90 -15.23
N TYR E 122 28.96 -12.07 -15.69
CA TYR E 122 28.91 -12.38 -17.12
C TYR E 122 27.45 -12.49 -17.57
N TRP E 123 26.58 -12.94 -16.68
CA TRP E 123 25.14 -13.14 -16.96
C TRP E 123 24.36 -12.60 -15.81
N LEU E 124 23.08 -12.45 -15.98
CA LEU E 124 22.19 -12.12 -14.85
C LEU E 124 22.27 -13.25 -13.81
N ASP E 125 22.73 -12.91 -12.62
CA ASP E 125 22.89 -13.81 -11.45
C ASP E 125 21.59 -14.07 -10.71
N TYR E 126 20.87 -12.99 -10.38
CA TYR E 126 19.58 -13.16 -9.72
C TYR E 126 18.85 -11.85 -9.87
N PHE E 127 17.52 -11.86 -9.67
CA PHE E 127 16.79 -10.60 -9.65
C PHE E 127 15.55 -10.65 -8.75
N SER E 128 15.01 -9.48 -8.41
CA SER E 128 13.85 -9.39 -7.56
C SER E 128 13.04 -8.25 -8.12
N MET E 129 11.81 -8.21 -7.67
CA MET E 129 10.83 -7.27 -8.22
C MET E 129 10.10 -6.51 -7.12
N TYR E 130 10.00 -5.19 -7.34
CA TYR E 130 9.14 -4.35 -6.51
C TYR E 130 7.68 -4.45 -7.01
N LEU E 131 6.73 -4.66 -6.10
CA LEU E 131 5.29 -4.71 -6.44
C LEU E 131 4.52 -3.62 -5.72
N SER E 132 3.55 -3.05 -6.41
CA SER E 132 2.69 -2.04 -5.84
C SER E 132 1.29 -2.14 -6.47
N LEU E 133 0.29 -1.60 -5.78
CA LEU E 133 -1.01 -1.31 -6.38
C LEU E 133 -1.02 -0.05 -7.28
N GLN F 2 9.95 5.28 12.26
CA GLN F 2 11.34 4.89 11.86
C GLN F 2 11.90 5.87 10.81
N SER F 3 11.63 5.67 9.51
CA SER F 3 12.29 6.52 8.54
C SER F 3 11.42 7.24 7.52
N GLY F 4 12.06 8.22 6.88
CA GLY F 4 11.46 9.10 5.88
C GLY F 4 11.45 8.49 4.48
N ILE F 5 11.88 7.24 4.35
CA ILE F 5 11.89 6.54 3.02
C ILE F 5 10.65 5.67 2.83
N SER F 6 9.91 5.90 1.74
CA SER F 6 8.73 5.12 1.45
C SER F 6 9.14 3.63 1.26
N GLN F 7 8.26 2.71 1.61
CA GLN F 7 8.61 1.35 1.37
C GLN F 7 7.65 0.65 0.41
N THR F 8 8.12 -0.50 -0.08
CA THR F 8 7.43 -1.18 -1.17
C THR F 8 7.58 -2.70 -1.00
N VAL F 9 6.55 -3.47 -1.30
CA VAL F 9 6.66 -4.95 -1.34
C VAL F 9 7.77 -5.33 -2.33
N ILE F 10 8.60 -6.29 -1.96
CA ILE F 10 9.66 -6.80 -2.86
C ILE F 10 9.59 -8.30 -2.76
N VAL F 11 9.46 -8.92 -3.93
CA VAL F 11 9.51 -10.40 -4.00
C VAL F 11 10.70 -10.80 -4.79
N GLY F 12 11.20 -11.99 -4.41
CA GLY F 12 12.45 -12.56 -4.97
C GLY F 12 13.49 -12.68 -3.86
N PRO F 13 14.77 -12.93 -4.22
CA PRO F 13 15.32 -13.11 -5.55
C PRO F 13 15.10 -14.48 -6.19
N TRP F 14 15.07 -14.48 -7.53
CA TRP F 14 15.16 -15.74 -8.28
C TRP F 14 16.54 -15.75 -8.90
N GLY F 15 17.19 -16.92 -8.83
CA GLY F 15 18.47 -17.13 -9.49
C GLY F 15 19.48 -17.64 -8.50
N ALA F 16 20.73 -17.23 -8.66
CA ALA F 16 21.82 -17.54 -7.75
C ALA F 16 21.69 -17.03 -6.33
N LYS F 17 22.50 -17.64 -5.47
N LYS F 17 22.35 -17.74 -5.43
CA LYS F 17 22.96 -17.13 -4.17
CA LYS F 17 22.66 -17.29 -4.07
C LYS F 17 22.25 -17.74 -3.00
C LYS F 17 21.48 -17.20 -3.12
N GLY G 1 -12.37 -28.58 -8.82
CA GLY G 1 -12.26 -28.30 -7.37
C GLY G 1 -13.21 -27.20 -6.95
N LYS G 2 -13.39 -27.02 -5.63
CA LYS G 2 -14.20 -25.89 -5.19
C LYS G 2 -13.30 -24.71 -4.86
N ALA G 3 -13.58 -23.57 -5.50
CA ALA G 3 -12.87 -22.27 -5.25
C ALA G 3 -13.05 -21.82 -3.76
N PHE G 4 -11.99 -21.25 -3.17
CA PHE G 4 -12.13 -20.59 -1.89
C PHE G 4 -11.34 -19.26 -2.00
N ASP G 5 -11.68 -18.32 -1.11
CA ASP G 5 -10.97 -17.06 -1.14
C ASP G 5 -11.17 -16.49 0.27
N ASP G 6 -10.15 -16.59 1.09
CA ASP G 6 -10.29 -16.07 2.48
C ASP G 6 -10.29 -14.54 2.55
N GLY G 7 -9.74 -13.88 1.52
CA GLY G 7 -9.57 -12.42 1.62
C GLY G 7 -8.26 -12.02 2.30
N ALA G 8 -8.17 -10.75 2.64
CA ALA G 8 -6.95 -10.21 3.26
C ALA G 8 -7.14 -9.91 4.73
N PHE G 9 -6.07 -10.14 5.50
CA PHE G 9 -6.06 -9.93 6.96
C PHE G 9 -4.79 -9.17 7.39
N THR G 10 -4.41 -9.23 8.67
CA THR G 10 -3.24 -8.47 9.11
C THR G 10 -2.00 -9.31 9.21
N GLY G 11 -2.09 -10.62 8.96
CA GLY G 11 -0.96 -11.50 9.13
C GLY G 11 -1.48 -12.95 9.32
N ILE G 12 -0.53 -13.83 9.62
CA ILE G 12 -0.77 -15.25 9.71
C ILE G 12 -0.29 -15.79 11.06
N ARG G 13 -1.19 -16.46 11.73
CA ARG G 13 -0.89 -17.14 13.00
C ARG G 13 -0.61 -18.60 12.85
N GLU G 14 -1.45 -19.31 12.10
CA GLU G 14 -1.23 -20.75 12.03
C GLU G 14 -1.75 -21.27 10.69
N ILE G 15 -1.04 -22.22 10.09
CA ILE G 15 -1.53 -22.84 8.84
C ILE G 15 -1.79 -24.32 9.13
N ASN G 16 -3.01 -24.74 8.88
CA ASN G 16 -3.39 -26.14 9.04
C ASN G 16 -3.60 -26.80 7.67
N LEU G 17 -2.85 -27.83 7.32
CA LEU G 17 -3.08 -28.38 5.97
C LEU G 17 -3.03 -29.89 6.12
N SER G 18 -3.43 -30.59 5.11
CA SER G 18 -3.07 -32.03 5.14
C SER G 18 -2.48 -32.46 3.81
N TYR G 19 -1.84 -33.62 3.80
CA TYR G 19 -1.17 -34.08 2.64
C TYR G 19 -1.01 -35.64 2.72
N ASN G 20 -0.69 -36.20 1.56
CA ASN G 20 -0.31 -37.63 1.38
C ASN G 20 0.85 -37.67 0.39
N LYS G 21 1.99 -38.23 0.77
CA LYS G 21 3.16 -38.28 -0.14
C LYS G 21 2.86 -38.98 -1.48
N GLU G 22 1.86 -39.89 -1.48
CA GLU G 22 1.53 -40.63 -2.71
C GLU G 22 0.82 -39.76 -3.70
N THR G 23 0.15 -38.72 -3.17
CA THR G 23 -0.66 -37.89 -4.04
C THR G 23 -0.24 -36.42 -3.88
N ALA G 24 -0.96 -35.65 -3.10
CA ALA G 24 -0.75 -34.20 -3.11
C ALA G 24 -1.26 -33.56 -1.82
N ILE G 25 -1.24 -32.21 -1.81
CA ILE G 25 -1.84 -31.48 -0.71
C ILE G 25 -3.36 -31.71 -0.68
N GLY G 26 -3.92 -31.87 0.51
CA GLY G 26 -5.43 -32.07 0.62
C GLY G 26 -6.19 -30.89 1.15
N ASP G 27 -6.37 -30.87 2.47
CA ASP G 27 -7.13 -29.77 3.15
C ASP G 27 -6.29 -28.52 3.35
N PHE G 28 -6.94 -27.39 3.56
CA PHE G 28 -6.14 -26.17 3.81
C PHE G 28 -6.98 -25.21 4.60
N GLN G 29 -6.41 -24.63 5.67
CA GLN G 29 -7.20 -23.80 6.58
C GLN G 29 -6.20 -22.89 7.28
N VAL G 30 -6.59 -21.63 7.48
CA VAL G 30 -5.58 -20.69 8.05
C VAL G 30 -6.20 -19.93 9.20
N VAL G 31 -5.48 -19.87 10.32
CA VAL G 31 -5.80 -18.92 11.35
C VAL G 31 -5.00 -17.63 11.07
N TYR G 32 -5.73 -16.57 10.68
CA TYR G 32 -5.08 -15.29 10.39
C TYR G 32 -4.97 -14.44 11.65
N ASP G 33 -4.15 -13.40 11.58
CA ASP G 33 -4.30 -12.34 12.53
C ASP G 33 -5.26 -11.32 11.96
N LEU G 34 -6.09 -10.75 12.81
CA LEU G 34 -6.95 -9.61 12.37
C LEU G 34 -6.78 -8.53 13.43
N ASN G 35 -5.89 -7.55 13.16
CA ASN G 35 -5.65 -6.45 14.11
C ASN G 35 -5.31 -6.94 15.54
N GLY G 36 -4.52 -8.02 15.60
CA GLY G 36 -3.92 -8.54 16.84
C GLY G 36 -4.71 -9.62 17.47
N SER G 37 -5.86 -9.96 16.88
CA SER G 37 -6.66 -11.09 17.35
C SER G 37 -6.83 -12.22 16.33
N PRO G 38 -6.93 -13.47 16.80
CA PRO G 38 -7.00 -14.63 15.87
C PRO G 38 -8.28 -14.61 15.05
N TYR G 39 -8.20 -14.77 13.71
CA TYR G 39 -9.36 -14.92 12.85
C TYR G 39 -9.31 -16.36 12.25
N VAL G 40 -10.27 -17.19 12.63
CA VAL G 40 -10.22 -18.59 12.30
C VAL G 40 -10.84 -18.70 10.90
N GLY G 41 -10.00 -18.86 9.91
CA GLY G 41 -10.48 -19.03 8.52
C GLY G 41 -11.25 -20.35 8.33
N GLN G 42 -12.13 -20.36 7.33
CA GLN G 42 -12.92 -21.56 7.02
C GLN G 42 -11.97 -22.68 6.63
N ASN G 43 -12.31 -23.91 7.03
CA ASN G 43 -11.53 -25.08 6.68
C ASN G 43 -11.92 -25.51 5.25
N HIS G 44 -10.94 -25.45 4.35
CA HIS G 44 -11.20 -25.76 2.95
C HIS G 44 -10.83 -27.19 2.75
N LYS G 45 -11.85 -28.05 2.65
CA LYS G 45 -11.61 -29.50 2.80
C LYS G 45 -11.40 -30.16 1.46
N SER G 46 -10.52 -31.18 1.40
CA SER G 46 -10.53 -32.07 0.24
C SER G 46 -11.87 -32.84 0.17
N PHE G 47 -12.27 -33.29 -1.05
CA PHE G 47 -13.48 -34.13 -1.21
C PHE G 47 -13.24 -35.52 -0.67
N ILE G 48 -11.99 -35.86 -0.39
CA ILE G 48 -11.64 -37.22 -0.02
C ILE G 48 -10.87 -37.21 1.30
N THR G 49 -10.69 -38.40 1.88
CA THR G 49 -9.98 -38.48 3.15
C THR G 49 -8.69 -39.26 2.98
N GLY G 50 -7.98 -39.53 4.07
CA GLY G 50 -6.74 -40.31 3.95
C GLY G 50 -5.48 -39.49 4.13
N PHE G 51 -5.67 -38.23 4.51
CA PHE G 51 -4.54 -37.29 4.57
C PHE G 51 -3.94 -37.20 5.99
N THR G 52 -2.65 -36.84 6.04
CA THR G 52 -1.91 -36.62 7.30
C THR G 52 -2.01 -35.09 7.61
N PRO G 53 -2.46 -34.74 8.84
CA PRO G 53 -2.63 -33.35 9.25
C PRO G 53 -1.22 -32.72 9.59
N VAL G 54 -1.09 -31.44 9.26
CA VAL G 54 0.07 -30.59 9.56
C VAL G 54 -0.48 -29.32 10.26
N LYS G 55 0.03 -28.95 11.44
CA LYS G 55 -0.33 -27.63 12.03
C LYS G 55 0.96 -26.85 12.17
N ILE G 56 1.06 -25.70 11.47
CA ILE G 56 2.22 -24.81 11.58
C ILE G 56 1.81 -23.66 12.46
N SER G 57 2.20 -23.69 13.74
CA SER G 57 1.78 -22.63 14.70
C SER G 57 2.92 -21.66 14.76
N LEU G 58 2.72 -20.51 14.19
CA LEU G 58 3.81 -19.54 14.17
C LEU G 58 3.96 -18.73 15.50
N ASP G 59 5.17 -18.35 15.85
CA ASP G 59 5.37 -17.36 16.96
C ASP G 59 4.97 -15.92 16.54
N PHE G 60 3.68 -15.69 16.38
CA PHE G 60 3.13 -14.39 15.89
C PHE G 60 3.24 -13.31 17.00
N PRO G 61 3.73 -12.09 16.68
CA PRO G 61 4.11 -11.62 15.37
C PRO G 61 5.61 -11.61 15.12
N SER G 62 6.40 -12.18 16.05
CA SER G 62 7.89 -12.22 15.90
C SER G 62 8.34 -13.06 14.72
N GLU G 63 7.51 -14.07 14.39
CA GLU G 63 7.78 -15.03 13.33
C GLU G 63 6.79 -14.86 12.16
N TYR G 64 7.34 -14.64 10.97
CA TYR G 64 6.48 -14.47 9.75
C TYR G 64 7.15 -15.24 8.61
N ILE G 65 6.30 -15.66 7.64
CA ILE G 65 6.77 -16.34 6.44
C ILE G 65 7.60 -15.44 5.55
N MET G 66 8.82 -15.90 5.18
CA MET G 66 9.72 -15.26 4.20
C MET G 66 9.76 -15.92 2.81
N GLU G 67 9.34 -17.19 2.71
CA GLU G 67 9.30 -17.85 1.39
C GLU G 67 8.30 -19.00 1.41
N VAL G 68 7.50 -19.07 0.35
CA VAL G 68 6.63 -20.22 0.21
C VAL G 68 7.11 -20.89 -1.07
N SER G 69 7.33 -22.20 -1.00
CA SER G 69 7.59 -22.87 -2.28
C SER G 69 6.84 -24.22 -2.34
N GLY G 70 6.99 -24.89 -3.49
CA GLY G 70 6.33 -26.17 -3.67
C GLY G 70 6.53 -26.73 -5.07
N TYR G 71 5.70 -27.72 -5.40
CA TYR G 71 5.76 -28.43 -6.70
C TYR G 71 4.38 -28.66 -7.16
N THR G 72 4.15 -28.38 -8.43
CA THR G 72 2.95 -28.84 -9.08
C THR G 72 3.26 -30.10 -9.93
N GLY G 73 2.25 -30.95 -10.11
CA GLY G 73 2.50 -32.26 -10.77
C GLY G 73 1.14 -32.91 -11.03
N ASN G 74 1.15 -34.00 -11.81
CA ASN G 74 -0.03 -34.68 -12.26
C ASN G 74 -0.31 -35.79 -11.26
N VAL G 75 -1.50 -35.76 -10.68
CA VAL G 75 -1.95 -36.86 -9.80
C VAL G 75 -3.23 -37.31 -10.36
N SER G 76 -3.24 -38.57 -10.81
CA SER G 76 -4.44 -39.16 -11.43
C SER G 76 -4.95 -38.37 -12.59
N GLY G 77 -4.08 -37.73 -13.36
CA GLY G 77 -4.60 -37.00 -14.50
C GLY G 77 -4.92 -35.53 -14.28
N TYR G 78 -4.74 -35.05 -13.06
CA TYR G 78 -5.02 -33.63 -12.77
C TYR G 78 -3.74 -32.92 -12.33
N VAL G 79 -3.59 -31.65 -12.74
CA VAL G 79 -2.49 -30.86 -12.28
C VAL G 79 -2.83 -30.31 -10.90
N VAL G 80 -1.96 -30.63 -9.93
CA VAL G 80 -2.22 -30.22 -8.54
C VAL G 80 -0.99 -29.75 -7.84
N VAL G 81 -1.18 -29.18 -6.67
CA VAL G 81 -0.06 -28.82 -5.82
C VAL G 81 0.34 -30.05 -5.01
N ARG G 82 1.48 -30.64 -5.34
CA ARG G 82 1.94 -31.88 -4.70
C ARG G 82 2.70 -31.66 -3.40
N SER G 83 3.36 -30.49 -3.32
CA SER G 83 4.24 -30.19 -2.21
C SER G 83 4.17 -28.67 -1.88
N LEU G 84 4.33 -28.38 -0.60
CA LEU G 84 4.48 -27.02 -0.09
C LEU G 84 5.54 -27.00 1.02
N THR G 85 6.26 -25.89 1.08
CA THR G 85 7.24 -25.59 2.15
C THR G 85 7.05 -24.17 2.57
N PHE G 86 7.08 -23.91 3.90
CA PHE G 86 6.90 -22.56 4.42
C PHE G 86 8.10 -22.21 5.20
N LYS G 87 8.88 -21.28 4.67
CA LYS G 87 10.11 -20.88 5.40
C LYS G 87 9.82 -19.58 6.13
N THR G 88 10.10 -19.53 7.46
CA THR G 88 9.94 -18.24 8.16
C THR G 88 11.30 -17.64 8.52
N ASN G 89 11.27 -16.47 9.19
CA ASN G 89 12.51 -15.83 9.64
C ASN G 89 13.14 -16.69 10.72
N LYS G 90 12.47 -17.75 11.18
CA LYS G 90 12.96 -18.62 12.30
C LYS G 90 13.31 -20.07 11.91
N LYS G 91 12.49 -20.71 11.09
CA LYS G 91 12.55 -22.18 10.90
C LYS G 91 11.99 -22.45 9.53
N THR G 92 12.22 -23.65 9.00
CA THR G 92 11.51 -24.04 7.77
C THR G 92 10.51 -25.14 8.13
N TYR G 93 9.27 -25.03 7.64
CA TYR G 93 8.24 -26.02 7.79
C TYR G 93 8.00 -26.67 6.42
N GLY G 94 8.42 -27.92 6.33
CA GLY G 94 8.27 -28.69 5.09
C GLY G 94 9.60 -29.23 4.64
N PRO G 95 9.64 -29.84 3.46
CA PRO G 95 8.49 -30.00 2.53
C PRO G 95 7.44 -30.94 3.03
N TYR G 96 6.18 -30.58 2.78
CA TYR G 96 5.08 -31.48 3.02
C TYR G 96 4.59 -31.97 1.66
N GLY G 97 4.86 -33.23 1.33
CA GLY G 97 4.47 -33.74 0.02
C GLY G 97 5.68 -33.90 -0.91
N VAL G 98 5.61 -34.82 -1.88
CA VAL G 98 6.85 -35.16 -2.59
C VAL G 98 7.42 -34.02 -3.41
N THR G 99 8.74 -33.86 -3.44
CA THR G 99 9.33 -32.72 -4.19
C THR G 99 9.68 -33.04 -5.66
N SER G 100 8.63 -33.36 -6.42
CA SER G 100 8.81 -33.76 -7.78
C SER G 100 7.73 -33.12 -8.66
N GLY G 101 8.11 -32.77 -9.88
CA GLY G 101 7.20 -32.06 -10.77
C GLY G 101 7.77 -30.70 -11.10
N THR G 102 6.92 -29.70 -11.29
CA THR G 102 7.36 -28.36 -11.65
C THR G 102 7.44 -27.48 -10.37
N PRO G 103 8.67 -27.05 -10.00
CA PRO G 103 8.81 -26.24 -8.79
C PRO G 103 8.26 -24.84 -8.98
N PHE G 104 7.83 -24.22 -7.89
CA PHE G 104 7.57 -22.80 -7.86
C PHE G 104 8.05 -22.28 -6.52
N ASN G 105 8.26 -20.98 -6.45
CA ASN G 105 8.71 -20.37 -5.20
C ASN G 105 8.39 -18.88 -5.14
N LEU G 106 7.99 -18.40 -3.95
CA LEU G 106 7.75 -16.95 -3.80
C LEU G 106 8.58 -16.54 -2.56
N PRO G 107 9.83 -16.08 -2.79
CA PRO G 107 10.56 -15.49 -1.67
C PRO G 107 10.11 -14.05 -1.55
N ILE G 108 10.20 -13.49 -0.35
CA ILE G 108 9.74 -12.15 -0.04
C ILE G 108 10.92 -11.47 0.63
N GLU G 109 11.40 -10.36 0.01
CA GLU G 109 12.46 -9.58 0.66
C GLU G 109 11.77 -8.60 1.61
N ASN G 110 10.66 -8.01 1.18
CA ASN G 110 9.92 -7.04 1.99
C ASN G 110 8.40 -7.18 1.85
N GLY G 111 7.70 -7.37 2.97
CA GLY G 111 6.24 -7.51 2.92
C GLY G 111 5.80 -8.79 3.56
N LEU G 112 4.48 -8.97 3.67
CA LEU G 112 3.83 -10.09 4.38
C LEU G 112 2.74 -10.76 3.54
N ILE G 113 2.64 -12.09 3.65
CA ILE G 113 1.48 -12.80 3.17
C ILE G 113 0.39 -12.59 4.21
N VAL G 114 -0.74 -12.13 3.69
CA VAL G 114 -1.91 -11.79 4.54
C VAL G 114 -3.20 -12.44 4.14
N GLY G 115 -3.15 -13.35 3.18
CA GLY G 115 -4.40 -14.04 2.81
C GLY G 115 -4.10 -15.13 1.80
N PHE G 116 -4.96 -16.13 1.80
CA PHE G 116 -4.96 -17.21 0.74
C PHE G 116 -6.28 -17.31 -0.02
N LYS G 117 -6.14 -17.62 -1.31
CA LYS G 117 -7.24 -18.06 -2.11
C LYS G 117 -6.81 -19.22 -2.98
N GLY G 118 -7.79 -19.92 -3.56
CA GLY G 118 -7.37 -21.12 -4.36
C GLY G 118 -8.49 -22.06 -4.68
N SER G 119 -8.19 -23.34 -4.87
CA SER G 119 -9.24 -24.26 -5.27
C SER G 119 -8.80 -25.61 -4.82
N ILE G 120 -9.76 -26.36 -4.28
CA ILE G 120 -9.47 -27.71 -3.79
C ILE G 120 -10.58 -28.69 -4.21
N GLY G 121 -10.15 -29.75 -4.85
CA GLY G 121 -10.99 -30.87 -5.21
C GLY G 121 -10.62 -32.07 -4.39
N TYR G 122 -10.20 -33.16 -5.04
CA TYR G 122 -9.51 -34.19 -4.30
C TYR G 122 -8.23 -33.56 -3.66
N TRP G 123 -7.56 -32.66 -4.41
CA TRP G 123 -6.26 -32.09 -4.00
C TRP G 123 -6.32 -30.60 -4.20
N LEU G 124 -5.40 -29.91 -3.54
CA LEU G 124 -5.21 -28.44 -3.81
C LEU G 124 -4.93 -28.26 -5.32
N ASP G 125 -5.88 -27.66 -6.06
CA ASP G 125 -5.68 -27.49 -7.54
C ASP G 125 -4.66 -26.36 -7.82
N TYR G 126 -4.87 -25.23 -7.12
CA TYR G 126 -4.02 -24.06 -7.26
C TYR G 126 -4.25 -23.13 -6.09
N PHE G 127 -3.34 -22.18 -5.91
CA PHE G 127 -3.59 -21.12 -4.91
C PHE G 127 -2.85 -19.86 -5.24
N SER G 128 -3.36 -18.78 -4.62
CA SER G 128 -2.76 -17.46 -4.69
C SER G 128 -2.57 -16.87 -3.28
N MET G 129 -1.80 -15.78 -3.18
CA MET G 129 -1.56 -15.20 -1.85
C MET G 129 -1.74 -13.69 -1.92
N TYR G 130 -2.38 -13.13 -0.92
CA TYR G 130 -2.49 -11.67 -0.80
C TYR G 130 -1.23 -11.16 -0.10
N LEU G 131 -0.63 -10.08 -0.60
CA LEU G 131 0.59 -9.55 0.04
C LEU G 131 0.32 -8.11 0.43
N SER G 132 0.82 -7.76 1.62
CA SER G 132 0.71 -6.37 2.03
C SER G 132 2.02 -5.97 2.68
N LEU G 133 2.27 -4.65 2.78
CA LEU G 133 3.28 -4.14 3.71
C LEU G 133 2.75 -4.24 5.16
N SER H 3 -14.51 1.91 -6.05
CA SER H 3 -15.53 1.35 -5.11
C SER H 3 -15.10 1.45 -3.64
N GLY H 4 -15.98 0.95 -2.80
CA GLY H 4 -15.86 1.02 -1.37
C GLY H 4 -15.04 -0.11 -0.80
N ILE H 5 -14.55 -1.02 -1.63
CA ILE H 5 -13.80 -2.18 -1.11
C ILE H 5 -12.32 -1.95 -1.32
N SER H 6 -11.53 -2.03 -0.27
CA SER H 6 -10.07 -1.82 -0.42
C SER H 6 -9.42 -2.97 -1.25
N GLN H 7 -8.21 -2.73 -1.75
CA GLN H 7 -7.49 -3.64 -2.64
C GLN H 7 -6.20 -4.06 -2.00
N THR H 8 -5.64 -5.16 -2.49
CA THR H 8 -4.41 -5.75 -1.96
C THR H 8 -3.73 -6.37 -3.19
N VAL H 9 -2.40 -6.31 -3.22
CA VAL H 9 -1.59 -7.09 -4.15
C VAL H 9 -1.93 -8.59 -3.99
N ILE H 10 -2.16 -9.28 -5.10
CA ILE H 10 -2.31 -10.77 -5.10
C ILE H 10 -1.29 -11.33 -6.06
N VAL H 11 -0.51 -12.29 -5.59
CA VAL H 11 0.37 -13.00 -6.48
C VAL H 11 -0.14 -14.47 -6.58
N GLY H 12 -0.03 -15.03 -7.78
CA GLY H 12 -0.50 -16.39 -8.05
C GLY H 12 -1.38 -16.28 -9.29
N PRO H 13 -2.04 -17.36 -9.69
CA PRO H 13 -1.97 -18.64 -8.96
C PRO H 13 -0.82 -19.55 -9.40
N TRP H 14 -0.42 -20.44 -8.50
CA TRP H 14 0.40 -21.60 -8.81
C TRP H 14 -0.39 -22.89 -8.72
N GLY H 15 -0.26 -23.80 -9.68
CA GLY H 15 -0.90 -25.13 -9.64
C GLY H 15 -1.51 -25.27 -11.03
N ALA H 16 -2.72 -25.79 -11.14
CA ALA H 16 -3.46 -25.93 -12.41
C ALA H 16 -3.92 -24.61 -12.98
N LYS H 17 -4.35 -24.58 -14.25
CA LYS H 17 -5.16 -23.46 -14.78
C LYS H 17 -6.59 -23.36 -14.15
C1 MBG I . -5.90 35.00 -9.47
C2 MBG I . -6.27 33.90 -10.44
C3 MBG I . -7.37 33.31 -9.61
C4 MBG I . -6.85 32.85 -8.21
C5 MBG I . -6.10 34.03 -7.47
C6 MBG I . -5.62 33.86 -6.01
C7 MBG I . -5.95 37.29 -9.16
O1 MBG I . -5.64 36.24 -10.08
O2 MBG I . -6.85 34.41 -11.64
O3 MBG I . -7.90 32.23 -10.40
O4 MBG I . -5.95 31.76 -8.48
O5 MBG I . -5.10 34.50 -8.37
O6 MBG I . -4.46 33.01 -6.06
C1 IPA J . -1.31 26.33 11.57
C2 IPA J . -0.40 27.53 11.53
C3 IPA J . 0.60 27.21 12.69
O2 IPA J . 0.05 27.79 10.10
C1 IPA K . 8.22 5.76 -6.18
C2 IPA K . 7.09 6.75 -6.45
C3 IPA K . 6.77 6.76 -7.91
O2 IPA K . 5.89 6.39 -5.76
C1 IPA L . -5.21 30.32 -14.86
C2 IPA L . -5.62 31.70 -14.34
C3 IPA L . -6.99 31.68 -13.67
O2 IPA L . -4.68 32.10 -13.36
C1 IPA M . 15.55 6.31 -8.96
C2 IPA M . 16.72 7.29 -9.10
C3 IPA M . 16.09 8.68 -9.11
O2 IPA M . 17.69 7.16 -8.01
C1 EDO N . 6.07 7.68 9.28
O1 EDO N . 5.13 6.64 9.72
C2 EDO N . 7.48 7.18 9.58
O2 EDO N . 7.77 6.07 8.71
C1 IPA O . -32.15 5.71 24.81
C2 IPA O . -31.18 6.65 24.16
C3 IPA O . -30.22 7.38 25.10
O2 IPA O . -30.42 5.71 23.43
C1 IPA P . -8.56 3.78 -3.60
C2 IPA P . -9.02 3.41 -5.01
C3 IPA P . -10.56 3.30 -5.06
O2 IPA P . -8.52 4.35 -5.98
C1 IPA Q . -8.29 -6.61 7.89
C2 IPA Q . -7.22 -6.29 6.87
C3 IPA Q . -7.82 -6.43 5.48
O2 IPA Q . -6.75 -4.97 7.07
C1 IPA R . -15.52 25.64 30.56
C2 IPA R . -14.75 26.69 31.34
C3 IPA R . -14.93 26.37 32.80
O2 IPA R . -13.36 26.79 30.96
C1 EDO S . -24.64 4.73 19.23
O1 EDO S . -26.01 4.28 19.44
C2 EDO S . -23.63 3.57 19.25
O2 EDO S . -23.59 3.10 20.64
C1 IPA T . 0.56 0.92 12.98
C2 IPA T . -0.12 0.27 11.76
C3 IPA T . -1.33 1.02 11.30
O2 IPA T . 0.82 0.21 10.70
C1 IPA U . -3.95 -3.35 12.51
C2 IPA U . -2.71 -3.18 11.64
C3 IPA U . -2.93 -2.46 10.31
O2 IPA U . -1.84 -2.41 12.45
C1 EDO V . -9.33 19.20 15.71
O1 EDO V . -7.93 18.95 15.64
C2 EDO V . -9.49 20.65 16.09
O2 EDO V . -8.32 21.20 15.48
C1 MBG W . 31.41 -14.22 -13.00
C2 MBG W . 31.46 -13.34 -11.74
C3 MBG W . 30.55 -14.05 -10.75
C4 MBG W . 29.12 -14.27 -11.33
C5 MBG W . 29.25 -14.89 -12.79
C6 MBG W . 27.92 -15.19 -13.52
C7 MBG W . 32.74 -15.26 -14.75
O1 MBG W . 32.51 -14.12 -13.91
O2 MBG W . 32.81 -13.32 -11.21
O3 MBG W . 30.53 -13.34 -9.49
O4 MBG W . 28.50 -12.97 -11.39
O5 MBG W . 30.12 -14.12 -13.61
O6 MBG W . 27.25 -13.96 -13.94
C1 IPA X . 14.86 9.85 -17.86
C2 IPA X . 15.77 11.06 -17.53
C3 IPA X . 15.01 12.31 -17.69
O2 IPA X . 16.36 11.14 -16.22
C1 IPA Y . 8.33 -13.54 -28.26
C2 IPA Y . 9.22 -13.15 -29.42
C3 IPA Y . 8.80 -11.98 -30.30
O2 IPA Y . 10.39 -12.69 -28.80
C1 IPA Z . 24.42 -8.93 -32.15
C2 IPA Z . 24.39 -10.42 -31.77
C3 IPA Z . 23.00 -11.00 -32.07
O2 IPA Z . 25.43 -11.10 -32.51
C1 IPA AA . 19.65 -2.87 -22.79
C2 IPA AA . 20.62 -3.90 -23.23
C3 IPA AA . 20.69 -4.14 -24.80
O2 IPA AA . 21.73 -3.11 -22.59
C1 EDO BA . -7.36 -17.30 -10.12
O1 EDO BA . -7.02 -17.43 -8.72
C2 EDO BA . -8.86 -17.10 -10.29
O2 EDO BA . -9.35 -16.05 -9.44
C1 EDO CA . 23.87 -4.74 -27.06
O1 EDO CA . 23.03 -3.64 -26.64
C2 EDO CA . 23.89 -5.82 -25.97
O2 EDO CA . 25.23 -6.16 -25.58
C1 MBG DA . -11.48 -33.59 -9.16
C2 MBG DA . -12.30 -32.38 -9.53
C3 MBG DA . -11.28 -31.69 -10.43
C4 MBG DA . -10.01 -31.39 -9.62
C5 MBG DA . -9.46 -32.70 -9.03
C6 MBG DA . -8.11 -32.80 -8.34
C7 MBG DA . -11.39 -35.85 -8.98
O1 MBG DA . -12.19 -34.68 -8.79
O2 MBG DA . -13.40 -32.73 -10.40
O3 MBG DA . -11.84 -30.47 -10.87
O4 MBG DA . -10.42 -30.40 -8.64
O5 MBG DA . -10.46 -33.23 -8.19
O6 MBG DA . -8.19 -32.01 -7.15
C1 IPA EA . -16.52 -37.23 -8.10
C2 IPA EA . -16.13 -37.56 -9.52
C3 IPA EA . -16.77 -36.67 -10.60
O2 IPA EA . -14.71 -37.87 -9.56
C1 IPA FA . 4.79 -34.74 -9.77
C2 IPA FA . 5.20 -35.41 -11.07
C3 IPA FA . 5.54 -36.87 -10.82
O2 IPA FA . 4.13 -35.34 -12.03
C1 IPA GA . -9.82 -7.85 -4.57
C2 IPA GA . -8.42 -7.39 -4.93
C3 IPA GA . -8.46 -6.04 -5.64
O2 IPA GA . -7.67 -7.24 -3.74
C1 IPA HA . -4.96 -28.11 -16.04
C2 IPA HA . -3.67 -27.86 -16.84
C3 IPA HA . -3.96 -27.19 -18.18
O2 IPA HA . -2.76 -27.06 -16.06
#